data_6PEX
#
_entry.id   6PEX
#
_cell.length_a   73.050
_cell.length_b   85.720
_cell.length_c   112.900
_cell.angle_alpha   90.000
_cell.angle_beta   89.910
_cell.angle_gamma   90.000
#
_symmetry.space_group_name_H-M   'P 1 21 1'
#
loop_
_entity.id
_entity.type
_entity.pdbx_description
1 polymer 'aldo keto reductase'
2 water water
#
_entity_poly.entity_id   1
_entity_poly.type   'polypeptide(L)'
_entity_poly.pdbx_seq_one_letter_code
;HHHHHSSGLVPRGSHMMESIGVLLTCPMNPYLEQELDKRFKLFRFWDFPSANDLFREHSNSIRAVVGNSFIGADAQMIEA
LPKMEIVSSFSVGLDKIDLVRCKEKGIRVTNTPDVLTEDVADLALALILATLRRICESDRYVRSGSWKKGDFKLTTKFTG
KSVGIIGLGRIGSAIAKRAEGFSCPISYHSRTEKPGTNYKYYPSVVELASNCQILVVACALTPETRHIINREVINALGPK
GVVINIGRGLHVDEPELVSALVEGRLGGAGLDVFENEPNVPEELLAMDNVVLLPHVGSGTVETRKDMADLVLGNLEAHFL
NKPLLTPVV
;
_entity_poly.pdbx_strand_id   A,B,C,D
#
# COMPACT_ATOMS: atom_id res chain seq x y z
N GLU A 18 -22.40 9.69 -20.09
CA GLU A 18 -22.08 8.60 -21.01
C GLU A 18 -20.70 8.81 -21.62
N SER A 19 -20.37 8.03 -22.65
CA SER A 19 -19.05 8.09 -23.27
C SER A 19 -18.93 9.44 -23.97
N ILE A 20 -18.65 10.46 -23.18
CA ILE A 20 -18.38 11.82 -23.65
C ILE A 20 -16.87 12.06 -23.59
N GLY A 21 -16.36 12.84 -24.53
CA GLY A 21 -14.93 13.08 -24.62
C GLY A 21 -14.44 13.94 -23.47
N VAL A 22 -13.55 13.39 -22.64
CA VAL A 22 -12.98 14.08 -21.50
C VAL A 22 -11.47 14.03 -21.60
N LEU A 23 -10.82 15.18 -21.41
CA LEU A 23 -9.36 15.29 -21.46
C LEU A 23 -8.80 15.30 -20.05
N LEU A 24 -7.92 14.35 -19.75
CA LEU A 24 -7.22 14.29 -18.48
C LEU A 24 -5.80 14.81 -18.69
N THR A 25 -5.45 15.88 -17.98
CA THR A 25 -4.24 16.62 -18.30
C THR A 25 -2.98 15.90 -17.84
N CYS A 26 -3.03 15.17 -16.73
CA CYS A 26 -1.85 14.49 -16.20
C CYS A 26 -2.31 13.40 -15.25
N PRO A 27 -1.44 12.42 -14.95
CA PRO A 27 -1.84 11.32 -14.05
C PRO A 27 -2.10 11.79 -12.62
N MET A 28 -3.30 12.35 -12.38
CA MET A 28 -3.60 12.91 -11.07
C MET A 28 -3.82 11.83 -10.02
N ASN A 29 -4.59 10.81 -10.37
CA ASN A 29 -5.18 9.91 -9.39
C ASN A 29 -5.68 8.67 -10.10
N PRO A 30 -5.23 7.48 -9.69
CA PRO A 30 -5.62 6.26 -10.43
C PRO A 30 -7.12 6.00 -10.41
N TYR A 31 -7.79 6.25 -9.29
CA TYR A 31 -9.22 6.00 -9.22
C TYR A 31 -10.00 6.97 -10.10
N LEU A 32 -9.64 8.25 -10.07
CA LEU A 32 -10.29 9.22 -10.95
C LEU A 32 -10.06 8.87 -12.41
N GLU A 33 -8.83 8.49 -12.76
CA GLU A 33 -8.52 8.11 -14.14
C GLU A 33 -9.31 6.87 -14.56
N GLN A 34 -9.44 5.90 -13.66
CA GLN A 34 -10.17 4.68 -14.00
C GLN A 34 -11.66 4.94 -14.19
N GLU A 35 -12.25 5.79 -13.35
CA GLU A 35 -13.66 6.12 -13.52
C GLU A 35 -13.90 6.92 -14.78
N LEU A 36 -13.01 7.85 -15.10
CA LEU A 36 -13.14 8.64 -16.33
C LEU A 36 -13.06 7.73 -17.55
N ASP A 37 -12.19 6.73 -17.52
CA ASP A 37 -12.10 5.78 -18.63
C ASP A 37 -13.37 4.95 -18.75
N LYS A 38 -14.07 4.73 -17.64
CA LYS A 38 -15.25 3.86 -17.61
C LYS A 38 -16.54 4.62 -17.95
N ARG A 39 -16.67 5.85 -17.45
CA ARG A 39 -17.91 6.60 -17.65
C ARG A 39 -17.90 7.45 -18.90
N PHE A 40 -16.73 7.88 -19.34
CA PHE A 40 -16.59 8.84 -20.43
C PHE A 40 -15.67 8.29 -21.50
N LYS A 41 -15.48 9.05 -22.56
CA LYS A 41 -14.47 8.75 -23.57
C LYS A 41 -13.21 9.51 -23.18
N LEU A 42 -12.27 8.81 -22.54
CA LEU A 42 -11.13 9.43 -21.89
C LEU A 42 -10.00 9.66 -22.90
N PHE A 43 -9.46 10.88 -22.90
CA PHE A 43 -8.25 11.21 -23.61
C PHE A 43 -7.18 11.57 -22.59
N ARG A 44 -6.07 10.83 -22.60
CA ARG A 44 -4.95 11.11 -21.70
C ARG A 44 -3.98 12.06 -22.40
N PHE A 45 -3.83 13.27 -21.84
CA PHE A 45 -3.00 14.28 -22.48
C PHE A 45 -1.57 13.80 -22.72
N TRP A 46 -1.08 12.90 -21.87
CA TRP A 46 0.29 12.42 -22.01
C TRP A 46 0.41 11.28 -23.01
N ASP A 47 -0.70 10.81 -23.59
CA ASP A 47 -0.65 9.87 -24.69
C ASP A 47 -0.33 10.55 -26.02
N PHE A 48 -0.13 11.86 -26.02
CA PHE A 48 0.16 12.64 -27.21
C PHE A 48 1.53 13.28 -27.04
N PRO A 49 2.43 13.15 -28.02
CA PRO A 49 3.79 13.69 -27.84
C PRO A 49 3.82 15.16 -27.51
N SER A 50 2.94 15.96 -28.10
CA SER A 50 2.81 17.38 -27.79
C SER A 50 1.32 17.70 -27.71
N ALA A 51 1.03 18.89 -27.17
CA ALA A 51 -0.36 19.34 -27.11
C ALA A 51 -0.98 19.42 -28.50
N ASN A 52 -0.23 19.87 -29.50
CA ASN A 52 -0.77 19.97 -30.85
C ASN A 52 -1.10 18.61 -31.44
N ASP A 53 -0.51 17.52 -30.94
CA ASP A 53 -0.91 16.19 -31.40
C ASP A 53 -2.34 15.88 -30.97
N LEU A 54 -2.75 16.34 -29.80
CA LEU A 54 -4.14 16.20 -29.39
C LEU A 54 -5.04 17.16 -30.15
N PHE A 55 -4.66 18.45 -30.19
CA PHE A 55 -5.51 19.46 -30.81
C PHE A 55 -5.74 19.17 -32.29
N ARG A 56 -4.73 18.65 -32.98
CA ARG A 56 -4.86 18.43 -34.42
C ARG A 56 -5.75 17.23 -34.72
N GLU A 57 -5.83 16.29 -33.78
CA GLU A 57 -6.53 15.02 -34.00
C GLU A 57 -7.90 14.96 -33.34
N HIS A 58 -8.15 15.75 -32.29
CA HIS A 58 -9.39 15.65 -31.53
C HIS A 58 -9.89 17.02 -31.08
N SER A 59 -9.70 18.05 -31.91
CA SER A 59 -10.06 19.42 -31.51
C SER A 59 -11.49 19.52 -31.00
N ASN A 60 -12.43 18.84 -31.66
CA ASN A 60 -13.84 18.92 -31.30
C ASN A 60 -14.31 17.75 -30.45
N SER A 61 -13.44 16.77 -30.19
CA SER A 61 -13.83 15.57 -29.43
C SER A 61 -13.93 15.82 -27.94
N ILE A 62 -13.33 16.87 -27.42
CA ILE A 62 -13.23 17.10 -25.99
C ILE A 62 -14.33 18.06 -25.56
N ARG A 63 -15.23 17.58 -24.70
CA ARG A 63 -16.28 18.42 -24.12
C ARG A 63 -16.01 18.78 -22.68
N ALA A 64 -15.11 18.07 -22.00
CA ALA A 64 -14.74 18.36 -20.62
C ALA A 64 -13.24 18.21 -20.46
N VAL A 65 -12.66 19.05 -19.60
CA VAL A 65 -11.25 18.97 -19.25
C VAL A 65 -11.15 18.76 -17.75
N VAL A 66 -10.39 17.73 -17.35
CA VAL A 66 -10.10 17.48 -15.94
C VAL A 66 -8.63 17.79 -15.73
N GLY A 67 -8.35 18.86 -14.98
CA GLY A 67 -7.00 19.29 -14.71
C GLY A 67 -6.72 19.39 -13.22
N ASN A 68 -5.52 19.87 -12.90
CA ASN A 68 -5.12 20.05 -11.52
C ASN A 68 -4.23 21.29 -11.45
N SER A 69 -3.44 21.40 -10.38
CA SER A 69 -2.55 22.53 -10.19
C SER A 69 -1.34 22.49 -11.10
N PHE A 70 -1.07 21.36 -11.76
CA PHE A 70 0.09 21.23 -12.63
C PHE A 70 -0.24 21.64 -14.07
N ILE A 71 -1.28 21.04 -14.65
CA ILE A 71 -1.78 21.43 -15.96
C ILE A 71 -3.29 21.66 -15.84
N GLY A 72 -3.73 22.85 -16.23
CA GLY A 72 -5.14 23.18 -16.15
C GLY A 72 -5.77 23.42 -17.51
N ALA A 73 -6.41 24.58 -17.68
CA ALA A 73 -7.01 24.98 -18.95
C ALA A 73 -6.63 26.43 -19.24
N ASP A 74 -5.54 26.63 -19.97
CA ASP A 74 -5.08 27.98 -20.27
C ASP A 74 -5.79 28.51 -21.52
N ALA A 75 -5.49 29.77 -21.87
CA ALA A 75 -6.14 30.39 -23.01
C ALA A 75 -5.91 29.60 -24.30
N GLN A 76 -4.69 29.09 -24.49
CA GLN A 76 -4.38 28.34 -25.69
C GLN A 76 -5.20 27.05 -25.77
N MET A 77 -5.33 26.33 -24.66
CA MET A 77 -6.08 25.09 -24.67
C MET A 77 -7.57 25.34 -24.85
N ILE A 78 -8.11 26.35 -24.17
CA ILE A 78 -9.52 26.68 -24.31
C ILE A 78 -9.88 26.96 -25.76
N GLU A 79 -9.03 27.74 -26.44
CA GLU A 79 -9.33 28.12 -27.82
C GLU A 79 -9.09 26.98 -28.79
N ALA A 80 -8.20 26.05 -28.46
CA ALA A 80 -7.93 24.90 -29.31
C ALA A 80 -9.00 23.82 -29.20
N LEU A 81 -9.89 23.91 -28.21
CA LEU A 81 -10.96 22.94 -27.98
C LEU A 81 -12.29 23.68 -27.99
N PRO A 82 -12.83 23.99 -29.17
CA PRO A 82 -14.01 24.85 -29.23
C PRO A 82 -15.29 24.22 -28.68
N LYS A 83 -15.34 22.90 -28.52
CA LYS A 83 -16.54 22.23 -28.02
C LYS A 83 -16.50 22.04 -26.52
N MET A 84 -15.51 22.61 -25.84
CA MET A 84 -15.37 22.44 -24.39
C MET A 84 -16.55 23.08 -23.66
N GLU A 85 -17.13 22.33 -22.72
CA GLU A 85 -18.27 22.80 -21.95
C GLU A 85 -17.97 23.04 -20.48
N ILE A 86 -17.01 22.32 -19.90
CA ILE A 86 -16.77 22.38 -18.46
C ILE A 86 -15.31 22.08 -18.17
N VAL A 87 -14.78 22.80 -17.18
CA VAL A 87 -13.48 22.48 -16.57
C VAL A 87 -13.74 22.02 -15.15
N SER A 88 -13.44 20.76 -14.85
CA SER A 88 -13.58 20.21 -13.51
C SER A 88 -12.17 19.99 -12.97
N SER A 89 -11.78 20.80 -12.00
CA SER A 89 -10.40 20.81 -11.51
C SER A 89 -10.26 19.89 -10.31
N PHE A 90 -9.21 19.09 -10.31
CA PHE A 90 -8.83 18.23 -9.18
C PHE A 90 -7.96 19.02 -8.20
N SER A 91 -8.55 20.10 -7.68
CA SER A 91 -7.79 21.12 -6.96
C SER A 91 -8.78 22.12 -6.38
N VAL A 92 -8.29 22.90 -5.41
CA VAL A 92 -9.03 24.07 -4.94
C VAL A 92 -8.52 25.31 -5.67
N GLY A 93 -7.25 25.29 -6.09
CA GLY A 93 -6.68 26.44 -6.78
C GLY A 93 -7.09 26.51 -8.24
N LEU A 94 -7.26 27.76 -8.72
CA LEU A 94 -7.74 28.02 -10.07
C LEU A 94 -6.73 28.80 -10.91
N ASP A 95 -5.48 28.91 -10.48
CA ASP A 95 -4.51 29.75 -11.18
C ASP A 95 -4.05 29.16 -12.51
N LYS A 96 -4.51 27.96 -12.86
CA LYS A 96 -4.21 27.35 -14.15
C LYS A 96 -5.41 27.34 -15.08
N ILE A 97 -6.47 28.06 -14.73
CA ILE A 97 -7.71 28.10 -15.51
C ILE A 97 -7.97 29.55 -15.91
N ASP A 98 -8.19 29.77 -17.20
CA ASP A 98 -8.61 31.08 -17.69
C ASP A 98 -10.07 31.25 -17.34
N LEU A 99 -10.33 31.71 -16.11
CA LEU A 99 -11.71 31.80 -15.63
C LEU A 99 -12.52 32.81 -16.42
N VAL A 100 -11.91 33.95 -16.77
CA VAL A 100 -12.64 35.01 -17.47
C VAL A 100 -13.00 34.55 -18.87
N ARG A 101 -12.07 33.89 -19.56
CA ARG A 101 -12.39 33.37 -20.89
C ARG A 101 -13.42 32.26 -20.81
N CYS A 102 -13.41 31.49 -19.71
CA CYS A 102 -14.41 30.45 -19.54
C CYS A 102 -15.81 31.05 -19.45
N LYS A 103 -15.96 32.14 -18.69
CA LYS A 103 -17.26 32.80 -18.58
C LYS A 103 -17.69 33.41 -19.91
N GLU A 104 -16.75 33.94 -20.68
CA GLU A 104 -17.08 34.53 -21.98
C GLU A 104 -17.64 33.49 -22.94
N LYS A 105 -17.09 32.28 -22.93
CA LYS A 105 -17.47 31.24 -23.88
C LYS A 105 -18.48 30.26 -23.30
N GLY A 106 -19.14 30.62 -22.21
CA GLY A 106 -20.16 29.76 -21.62
C GLY A 106 -19.64 28.42 -21.15
N ILE A 107 -18.43 28.40 -20.58
CA ILE A 107 -17.83 27.17 -20.07
C ILE A 107 -17.91 27.20 -18.55
N ARG A 108 -18.52 26.18 -17.97
CA ARG A 108 -18.55 26.06 -16.52
C ARG A 108 -17.19 25.60 -16.01
N VAL A 109 -16.88 25.98 -14.77
CA VAL A 109 -15.66 25.55 -14.10
C VAL A 109 -16.03 25.14 -12.69
N THR A 110 -15.50 24.00 -12.25
CA THR A 110 -15.68 23.51 -10.88
C THR A 110 -14.33 23.16 -10.28
N ASN A 111 -14.29 23.12 -8.95
CA ASN A 111 -13.08 22.76 -8.22
C ASN A 111 -13.49 21.85 -7.07
N THR A 112 -12.57 21.65 -6.12
CA THR A 112 -12.78 20.79 -4.96
C THR A 112 -12.55 21.59 -3.68
N PRO A 113 -13.48 22.44 -3.29
CA PRO A 113 -13.34 23.19 -2.05
C PRO A 113 -13.70 22.35 -0.83
N ASP A 114 -13.18 22.79 0.32
CA ASP A 114 -13.49 22.26 1.64
C ASP A 114 -12.94 20.87 1.90
N VAL A 115 -12.91 19.99 0.90
CA VAL A 115 -12.51 18.61 1.12
C VAL A 115 -11.02 18.44 1.36
N LEU A 116 -10.21 19.45 1.06
CA LEU A 116 -8.78 19.39 1.33
C LEU A 116 -8.31 20.41 2.34
N THR A 117 -9.24 21.18 2.93
CA THR A 117 -8.84 22.20 3.91
C THR A 117 -8.11 21.58 5.09
N GLU A 118 -8.66 20.50 5.64
CA GLU A 118 -8.10 19.90 6.85
C GLU A 118 -6.70 19.36 6.60
N ASP A 119 -6.50 18.67 5.48
CA ASP A 119 -5.19 18.06 5.22
C ASP A 119 -4.12 19.11 4.93
N VAL A 120 -4.46 20.15 4.17
CA VAL A 120 -3.50 21.21 3.88
C VAL A 120 -3.15 21.97 5.16
N ALA A 121 -4.15 22.27 5.98
CA ALA A 121 -3.87 22.91 7.26
C ALA A 121 -3.03 22.02 8.16
N ASP A 122 -3.27 20.70 8.12
CA ASP A 122 -2.45 19.77 8.88
C ASP A 122 -0.99 19.80 8.43
N LEU A 123 -0.76 19.97 7.12
CA LEU A 123 0.61 19.97 6.63
C LEU A 123 1.35 21.26 6.99
N ALA A 124 0.63 22.38 7.03
CA ALA A 124 1.25 23.64 7.47
C ALA A 124 1.77 23.52 8.90
N LEU A 125 0.92 22.98 9.79
CA LEU A 125 1.34 22.80 11.19
C LEU A 125 2.48 21.81 11.32
N ALA A 126 2.51 20.78 10.46
CA ALA A 126 3.62 19.83 10.48
C ALA A 126 4.91 20.49 10.02
N LEU A 127 4.86 21.33 8.98
CA LEU A 127 6.07 22.01 8.53
C LEU A 127 6.58 22.98 9.58
N ILE A 128 5.67 23.62 10.31
CA ILE A 128 6.09 24.54 11.37
C ILE A 128 6.86 23.78 12.45
N LEU A 129 6.31 22.65 12.90
CA LEU A 129 6.99 21.86 13.93
C LEU A 129 8.27 21.24 13.38
N ALA A 130 8.23 20.74 12.14
CA ALA A 130 9.40 20.10 11.57
C ALA A 130 10.55 21.09 11.39
N THR A 131 10.23 22.35 11.11
CA THR A 131 11.27 23.37 10.94
C THR A 131 11.75 23.86 12.30
N LEU A 132 10.82 24.30 13.16
CA LEU A 132 11.21 24.84 14.46
C LEU A 132 11.93 23.81 15.31
N ARG A 133 11.44 22.58 15.36
CA ARG A 133 12.03 21.54 16.21
C ARG A 133 13.03 20.67 15.47
N ARG A 134 13.32 20.95 14.21
CA ARG A 134 14.34 20.22 13.43
C ARG A 134 14.12 18.72 13.48
N ILE A 135 12.88 18.30 13.21
CA ILE A 135 12.52 16.89 13.33
C ILE A 135 13.18 16.07 12.23
N CYS A 136 13.17 16.57 10.99
CA CYS A 136 13.80 15.83 9.91
C CYS A 136 15.31 15.77 10.09
N GLU A 137 15.90 16.84 10.63
CA GLU A 137 17.32 16.81 10.97
C GLU A 137 17.58 15.85 12.13
N SER A 138 16.69 15.86 13.14
CA SER A 138 16.84 14.94 14.26
C SER A 138 16.75 13.48 13.80
N ASP A 139 15.89 13.20 12.83
CA ASP A 139 15.76 11.84 12.33
C ASP A 139 17.03 11.40 11.59
N ARG A 140 17.56 12.28 10.73
CA ARG A 140 18.85 11.99 10.09
C ARG A 140 19.96 11.84 11.12
N TYR A 141 19.85 12.55 12.25
CA TYR A 141 20.85 12.46 13.31
C TYR A 141 20.91 11.07 13.91
N VAL A 142 19.75 10.52 14.27
CA VAL A 142 19.70 9.18 14.87
C VAL A 142 20.17 8.13 13.88
N ARG A 143 19.60 8.15 12.66
CA ARG A 143 19.87 7.09 11.70
C ARG A 143 21.29 7.11 11.18
N SER A 144 22.00 8.24 11.28
CA SER A 144 23.41 8.27 10.92
C SER A 144 24.32 7.79 12.02
N GLY A 145 23.78 7.51 13.21
CA GLY A 145 24.57 7.03 14.32
C GLY A 145 25.23 8.11 15.17
N SER A 146 24.90 9.38 14.93
CA SER A 146 25.56 10.48 15.62
C SER A 146 25.04 10.72 17.02
N TRP A 147 23.95 10.06 17.43
CA TRP A 147 23.46 10.21 18.79
C TRP A 147 24.38 9.56 19.81
N LYS A 148 25.21 8.61 19.39
CA LYS A 148 26.20 8.01 20.28
C LYS A 148 27.29 9.00 20.70
N LYS A 149 27.47 10.08 19.95
CA LYS A 149 28.53 11.05 20.28
C LYS A 149 28.09 12.09 21.29
N GLY A 150 26.84 12.52 21.25
CA GLY A 150 26.38 13.55 22.15
C GLY A 150 24.93 13.89 21.87
N ASP A 151 24.40 14.81 22.68
CA ASP A 151 23.02 15.22 22.49
C ASP A 151 22.88 16.03 21.22
N PHE A 152 21.70 15.97 20.62
CA PHE A 152 21.43 16.79 19.45
C PHE A 152 21.27 18.24 19.89
N LYS A 153 21.58 19.16 18.97
CA LYS A 153 21.50 20.58 19.28
C LYS A 153 20.13 20.94 19.82
N LEU A 154 20.08 22.01 20.62
CA LEU A 154 18.80 22.51 21.09
C LEU A 154 18.11 23.25 19.96
N THR A 155 16.78 23.19 19.95
CA THR A 155 16.02 23.79 18.86
C THR A 155 15.14 24.91 19.37
N THR A 156 14.06 25.20 18.66
CA THR A 156 13.25 26.39 18.92
C THR A 156 11.84 25.97 19.30
N LYS A 157 11.37 26.51 20.43
CA LYS A 157 10.04 26.19 20.95
C LYS A 157 8.96 26.81 20.07
N PHE A 158 7.93 26.02 19.76
CA PHE A 158 6.81 26.49 18.94
C PHE A 158 5.74 27.18 19.79
N THR A 159 5.29 26.53 20.85
CA THR A 159 4.24 27.07 21.71
C THR A 159 4.51 28.53 22.06
N GLY A 160 3.51 29.37 21.87
CA GLY A 160 3.59 30.77 22.22
C GLY A 160 4.15 31.67 21.14
N LYS A 161 4.73 31.12 20.07
CA LYS A 161 5.30 31.95 19.03
C LYS A 161 4.22 32.53 18.14
N SER A 162 4.49 33.73 17.61
CA SER A 162 3.50 34.46 16.83
C SER A 162 3.41 33.92 15.42
N VAL A 163 2.19 33.63 14.98
CA VAL A 163 1.92 33.08 13.66
C VAL A 163 1.18 34.12 12.84
N GLY A 164 1.76 34.50 11.71
CA GLY A 164 1.13 35.42 10.77
C GLY A 164 0.72 34.66 9.52
N ILE A 165 -0.54 34.84 9.13
CA ILE A 165 -1.14 34.08 8.03
C ILE A 165 -1.50 35.02 6.91
N ILE A 166 -0.96 34.76 5.71
CA ILE A 166 -1.30 35.50 4.51
C ILE A 166 -2.52 34.82 3.90
N GLY A 167 -3.69 35.40 4.12
CA GLY A 167 -4.93 34.84 3.60
C GLY A 167 -5.71 34.09 4.64
N LEU A 168 -6.82 34.67 5.09
CA LEU A 168 -7.67 34.05 6.11
C LEU A 168 -8.91 33.41 5.48
N GLY A 169 -8.70 32.55 4.50
CA GLY A 169 -9.77 31.78 3.90
C GLY A 169 -10.05 30.54 4.71
N ARG A 170 -10.61 29.53 4.03
CA ARG A 170 -10.92 28.27 4.70
C ARG A 170 -9.66 27.63 5.27
N ILE A 171 -8.60 27.56 4.45
CA ILE A 171 -7.36 26.92 4.89
C ILE A 171 -6.62 27.80 5.90
N GLY A 172 -6.56 29.11 5.65
CA GLY A 172 -5.92 30.01 6.60
C GLY A 172 -6.59 30.00 7.95
N SER A 173 -7.93 30.02 7.96
CA SER A 173 -8.64 29.96 9.22
C SER A 173 -8.48 28.61 9.90
N ALA A 174 -8.27 27.54 9.12
CA ALA A 174 -8.07 26.21 9.72
C ALA A 174 -6.69 26.11 10.34
N ILE A 175 -5.68 26.71 9.71
CA ILE A 175 -4.35 26.76 10.31
C ILE A 175 -4.38 27.52 11.63
N ALA A 176 -5.07 28.67 11.65
CA ALA A 176 -5.13 29.47 12.86
C ALA A 176 -5.79 28.73 14.02
N LYS A 177 -6.84 27.96 13.74
CA LYS A 177 -7.50 27.20 14.78
C LYS A 177 -6.55 26.19 15.41
N ARG A 178 -5.69 25.58 14.61
CA ARG A 178 -4.76 24.59 15.13
C ARG A 178 -3.62 25.23 15.92
N ALA A 179 -3.13 26.38 15.45
CA ALA A 179 -2.06 27.08 16.17
C ALA A 179 -2.55 27.62 17.51
N GLU A 180 -3.84 27.94 17.63
CA GLU A 180 -4.38 28.42 18.89
C GLU A 180 -4.23 27.39 20.01
N GLY A 181 -4.32 26.11 19.67
CA GLY A 181 -4.09 25.06 20.66
C GLY A 181 -2.67 25.05 21.20
N PHE A 182 -1.73 25.61 20.46
CA PHE A 182 -0.35 25.77 20.90
C PHE A 182 -0.11 27.13 21.56
N SER A 183 -1.18 27.83 21.96
CA SER A 183 -1.08 29.13 22.62
C SER A 183 -0.39 30.17 21.73
N CYS A 184 -0.60 30.08 20.42
CA CYS A 184 0.05 30.98 19.48
C CYS A 184 -0.75 32.27 19.31
N PRO A 185 -0.12 33.43 19.40
CA PRO A 185 -0.77 34.66 18.94
C PRO A 185 -0.90 34.64 17.42
N ILE A 186 -2.10 34.95 16.93
CA ILE A 186 -2.41 34.86 15.50
C ILE A 186 -2.66 36.27 14.95
N SER A 187 -2.00 36.58 13.84
CA SER A 187 -2.28 37.77 13.04
C SER A 187 -2.45 37.34 11.58
N TYR A 188 -3.09 38.19 10.78
CA TYR A 188 -3.36 37.85 9.38
C TYR A 188 -3.35 39.12 8.52
N HIS A 189 -3.30 38.91 7.21
CA HIS A 189 -3.28 40.03 6.26
C HIS A 189 -4.08 39.70 5.01
N SER A 190 -4.60 40.77 4.37
CA SER A 190 -4.93 40.89 2.95
C SER A 190 -6.37 41.36 2.69
N ARG A 191 -6.56 42.00 1.54
CA ARG A 191 -7.84 42.57 1.11
C ARG A 191 -8.35 43.59 2.11
N THR A 192 -9.45 43.26 2.77
CA THR A 192 -10.04 44.08 3.82
C THR A 192 -10.07 43.28 5.10
N GLU A 193 -10.16 44.00 6.23
CA GLU A 193 -10.21 43.33 7.53
C GLU A 193 -11.39 42.37 7.56
N LYS A 194 -11.10 41.13 7.96
CA LYS A 194 -12.13 40.10 8.00
C LYS A 194 -12.98 40.25 9.25
N PRO A 195 -14.31 40.25 9.12
CA PRO A 195 -15.17 40.39 10.29
C PRO A 195 -15.27 39.10 11.08
N GLY A 196 -15.43 39.26 12.39
CA GLY A 196 -15.66 38.13 13.26
C GLY A 196 -14.42 37.37 13.67
N THR A 197 -13.23 37.94 13.50
CA THR A 197 -12.00 37.34 13.97
C THR A 197 -11.37 38.20 15.05
N ASN A 198 -10.69 37.55 15.99
CA ASN A 198 -9.91 38.24 17.00
C ASN A 198 -8.43 38.32 16.64
N TYR A 199 -8.04 37.78 15.50
CA TYR A 199 -6.66 37.87 15.06
C TYR A 199 -6.32 39.30 14.67
N LYS A 200 -5.02 39.61 14.68
CA LYS A 200 -4.56 40.96 14.44
C LYS A 200 -4.43 41.19 12.94
N TYR A 201 -5.14 42.18 12.43
CA TYR A 201 -5.10 42.49 11.01
C TYR A 201 -3.95 43.44 10.72
N TYR A 202 -3.24 43.17 9.63
CA TYR A 202 -2.14 44.01 9.19
C TYR A 202 -2.39 44.45 7.75
N PRO A 203 -2.46 45.75 7.47
CA PRO A 203 -2.74 46.20 6.09
C PRO A 203 -1.62 45.92 5.10
N SER A 204 -0.42 45.55 5.55
CA SER A 204 0.68 45.24 4.65
C SER A 204 1.35 43.94 5.06
N VAL A 205 1.96 43.26 4.08
CA VAL A 205 2.68 42.02 4.39
C VAL A 205 3.99 42.33 5.10
N VAL A 206 4.61 43.47 4.79
CA VAL A 206 5.85 43.82 5.47
C VAL A 206 5.62 44.08 6.94
N GLU A 207 4.47 44.66 7.30
CA GLU A 207 4.15 44.87 8.71
C GLU A 207 3.70 43.59 9.39
N LEU A 208 3.00 42.71 8.65
CA LEU A 208 2.68 41.39 9.17
C LEU A 208 3.94 40.59 9.44
N ALA A 209 4.88 40.61 8.48
CA ALA A 209 6.11 39.85 8.63
C ALA A 209 6.97 40.39 9.77
N SER A 210 6.99 41.72 9.93
CA SER A 210 7.82 42.31 10.97
C SER A 210 7.34 41.94 12.36
N ASN A 211 6.04 41.65 12.52
CA ASN A 211 5.45 41.40 13.83
C ASN A 211 5.09 39.93 14.05
N CYS A 212 5.70 39.00 13.32
CA CYS A 212 5.47 37.59 13.54
C CYS A 212 6.77 36.84 13.27
N GLN A 213 6.86 35.64 13.86
CA GLN A 213 8.02 34.78 13.66
C GLN A 213 7.76 33.60 12.72
N ILE A 214 6.50 33.26 12.47
CA ILE A 214 6.14 32.19 11.56
C ILE A 214 5.19 32.79 10.53
N LEU A 215 5.62 32.84 9.27
CA LEU A 215 4.88 33.45 8.18
C LEU A 215 4.34 32.37 7.27
N VAL A 216 3.01 32.24 7.22
CA VAL A 216 2.33 31.16 6.51
C VAL A 216 1.66 31.73 5.26
N VAL A 217 2.00 31.18 4.11
CA VAL A 217 1.34 31.53 2.85
C VAL A 217 0.10 30.65 2.70
N ALA A 218 -1.07 31.27 2.67
CA ALA A 218 -2.33 30.53 2.59
C ALA A 218 -3.34 31.26 1.71
N CYS A 219 -2.87 31.89 0.64
CA CYS A 219 -3.71 32.70 -0.23
C CYS A 219 -3.74 32.10 -1.62
N ALA A 220 -4.70 32.56 -2.42
CA ALA A 220 -4.78 32.15 -3.82
C ALA A 220 -3.72 32.85 -4.66
N LEU A 221 -3.26 32.14 -5.69
CA LEU A 221 -2.25 32.67 -6.61
C LEU A 221 -2.93 33.45 -7.73
N THR A 222 -2.80 34.76 -7.68
CA THR A 222 -3.28 35.69 -8.69
C THR A 222 -2.11 36.59 -9.08
N PRO A 223 -2.27 37.43 -10.10
CA PRO A 223 -1.22 38.43 -10.36
C PRO A 223 -0.94 39.32 -9.15
N GLU A 224 -1.93 39.51 -8.28
CA GLU A 224 -1.74 40.32 -7.09
C GLU A 224 -0.84 39.63 -6.07
N THR A 225 -1.00 38.31 -5.91
CA THR A 225 -0.28 37.56 -4.89
C THR A 225 0.98 36.87 -5.41
N ARG A 226 1.33 37.05 -6.69
CA ARG A 226 2.57 36.48 -7.19
C ARG A 226 3.76 37.18 -6.55
N HIS A 227 4.71 36.38 -6.05
CA HIS A 227 5.89 36.89 -5.35
C HIS A 227 5.49 37.77 -4.15
N ILE A 228 4.40 37.40 -3.47
CA ILE A 228 3.99 38.16 -2.29
C ILE A 228 5.02 38.06 -1.18
N ILE A 229 5.86 37.02 -1.19
CA ILE A 229 7.01 36.92 -0.30
C ILE A 229 8.24 37.24 -1.14
N ASN A 230 8.66 38.49 -1.12
CA ASN A 230 9.82 38.98 -1.85
C ASN A 230 10.93 39.30 -0.86
N ARG A 231 12.05 39.80 -1.39
CA ARG A 231 13.18 40.18 -0.55
C ARG A 231 12.77 41.10 0.60
N GLU A 232 11.88 42.06 0.32
CA GLU A 232 11.49 43.03 1.33
C GLU A 232 10.73 42.38 2.47
N VAL A 233 9.82 41.46 2.16
CA VAL A 233 9.09 40.76 3.21
C VAL A 233 10.01 39.78 3.95
N ILE A 234 10.93 39.16 3.22
CA ILE A 234 11.87 38.22 3.84
C ILE A 234 12.81 38.97 4.77
N ASN A 235 13.29 40.14 4.38
CA ASN A 235 14.13 40.95 5.26
C ASN A 235 13.34 41.38 6.49
N ALA A 236 12.05 41.68 6.32
CA ALA A 236 11.21 42.02 7.46
C ALA A 236 11.01 40.83 8.38
N LEU A 237 10.91 39.63 7.82
CA LEU A 237 10.78 38.43 8.65
C LEU A 237 12.01 38.22 9.51
N GLY A 238 13.18 38.16 8.87
CA GLY A 238 14.43 38.19 9.58
C GLY A 238 15.04 36.82 9.83
N PRO A 239 16.26 36.81 10.39
CA PRO A 239 16.95 35.54 10.64
C PRO A 239 16.36 34.73 11.79
N LYS A 240 15.42 35.28 12.56
CA LYS A 240 14.74 34.51 13.59
C LYS A 240 13.37 34.00 13.13
N GLY A 241 13.04 34.15 11.85
CA GLY A 241 11.74 33.80 11.33
C GLY A 241 11.82 32.67 10.31
N VAL A 242 10.65 32.10 10.02
CA VAL A 242 10.53 30.94 9.14
C VAL A 242 9.37 31.16 8.18
N VAL A 243 9.58 30.83 6.91
CA VAL A 243 8.56 30.90 5.88
C VAL A 243 7.91 29.54 5.73
N ILE A 244 6.59 29.49 5.80
CA ILE A 244 5.81 28.27 5.58
C ILE A 244 4.95 28.51 4.35
N ASN A 245 5.22 27.76 3.28
CA ASN A 245 4.50 27.91 2.01
C ASN A 245 3.77 26.62 1.69
N ILE A 246 2.45 26.64 1.83
CA ILE A 246 1.58 25.57 1.38
C ILE A 246 0.70 26.01 0.21
N GLY A 247 0.96 27.18 -0.35
CA GLY A 247 0.16 27.67 -1.46
C GLY A 247 0.71 27.28 -2.81
N ARG A 248 1.29 28.24 -3.52
CA ARG A 248 1.89 28.01 -4.82
C ARG A 248 3.33 28.50 -4.80
N GLY A 249 4.20 27.85 -5.59
CA GLY A 249 5.60 28.22 -5.62
C GLY A 249 5.85 29.64 -6.06
N LEU A 250 4.95 30.20 -6.88
CA LEU A 250 5.10 31.58 -7.34
C LEU A 250 4.69 32.60 -6.30
N HIS A 251 4.18 32.17 -5.14
CA HIS A 251 3.92 33.09 -4.05
C HIS A 251 5.21 33.66 -3.45
N VAL A 252 6.33 32.99 -3.65
CA VAL A 252 7.61 33.36 -3.04
C VAL A 252 8.60 33.63 -4.15
N ASP A 253 9.32 34.75 -4.06
CA ASP A 253 10.45 34.97 -4.95
C ASP A 253 11.52 33.94 -4.62
N GLU A 254 11.48 32.81 -5.33
CA GLU A 254 12.27 31.66 -4.94
C GLU A 254 13.78 31.90 -4.95
N PRO A 255 14.38 32.57 -5.94
CA PRO A 255 15.82 32.84 -5.84
C PRO A 255 16.19 33.75 -4.68
N GLU A 256 15.28 34.63 -4.27
CA GLU A 256 15.55 35.48 -3.11
C GLU A 256 15.45 34.68 -1.81
N LEU A 257 14.52 33.73 -1.74
CA LEU A 257 14.40 32.91 -0.54
C LEU A 257 15.65 32.07 -0.33
N VAL A 258 16.18 31.49 -1.40
CA VAL A 258 17.41 30.69 -1.30
C VAL A 258 18.57 31.57 -0.88
N SER A 259 18.71 32.74 -1.51
CA SER A 259 19.80 33.66 -1.17
C SER A 259 19.75 34.08 0.29
N ALA A 260 18.56 34.40 0.80
CA ALA A 260 18.45 34.82 2.19
C ALA A 260 18.78 33.68 3.15
N LEU A 261 18.44 32.45 2.78
CA LEU A 261 18.79 31.31 3.63
C LEU A 261 20.28 31.03 3.58
N VAL A 262 20.91 31.21 2.41
CA VAL A 262 22.35 30.99 2.30
C VAL A 262 23.10 32.04 3.12
N GLU A 263 22.66 33.28 3.08
CA GLU A 263 23.36 34.39 3.72
C GLU A 263 22.94 34.60 5.17
N GLY A 264 21.98 33.83 5.67
CA GLY A 264 21.56 33.95 7.04
C GLY A 264 20.57 35.05 7.32
N ARG A 265 19.97 35.64 6.30
CA ARG A 265 18.94 36.67 6.49
C ARG A 265 17.59 36.08 6.84
N LEU A 266 17.40 34.78 6.63
CA LEU A 266 16.17 34.09 7.01
C LEU A 266 16.54 32.85 7.80
N GLY A 267 15.76 32.58 8.85
CA GLY A 267 16.11 31.49 9.75
C GLY A 267 15.89 30.13 9.12
N GLY A 268 14.73 29.94 8.50
CA GLY A 268 14.40 28.64 7.93
C GLY A 268 13.21 28.75 7.02
N ALA A 269 12.84 27.60 6.45
CA ALA A 269 11.70 27.54 5.54
C ALA A 269 11.12 26.14 5.52
N GLY A 270 9.80 26.05 5.63
CA GLY A 270 9.10 24.80 5.41
C GLY A 270 8.33 24.88 4.12
N LEU A 271 8.81 24.20 3.09
CA LEU A 271 8.32 24.41 1.73
C LEU A 271 7.68 23.14 1.20
N ASP A 272 6.40 23.23 0.84
CA ASP A 272 5.71 22.17 0.13
C ASP A 272 5.61 22.41 -1.38
N VAL A 273 5.74 23.66 -1.82
CA VAL A 273 5.58 24.01 -3.23
C VAL A 273 6.80 24.81 -3.68
N PHE A 274 7.09 24.74 -4.98
CA PHE A 274 8.27 25.38 -5.56
C PHE A 274 7.93 25.96 -6.92
N GLU A 275 8.84 26.81 -7.42
CA GLU A 275 8.60 27.54 -8.66
C GLU A 275 8.44 26.59 -9.85
N ASN A 276 9.37 25.66 -10.01
CA ASN A 276 9.35 24.75 -11.15
C ASN A 276 9.32 23.30 -10.69
N GLU A 277 8.24 22.90 -10.01
CA GLU A 277 8.11 21.52 -9.56
C GLU A 277 8.20 20.57 -10.75
N PRO A 278 8.82 19.38 -10.59
CA PRO A 278 9.36 18.85 -9.33
C PRO A 278 10.80 19.24 -9.04
N ASN A 279 11.28 20.34 -9.62
CA ASN A 279 12.65 20.80 -9.41
C ASN A 279 12.71 21.64 -8.14
N VAL A 280 13.71 21.35 -7.29
CA VAL A 280 13.95 22.07 -6.05
C VAL A 280 15.36 22.61 -6.11
N PRO A 281 15.59 23.89 -5.81
CA PRO A 281 16.95 24.45 -5.90
C PRO A 281 17.96 23.63 -5.12
N GLU A 282 19.11 23.39 -5.77
CA GLU A 282 20.16 22.56 -5.19
C GLU A 282 20.67 23.12 -3.87
N GLU A 283 20.67 24.44 -3.70
CA GLU A 283 21.20 25.02 -2.47
C GLU A 283 20.38 24.61 -1.25
N LEU A 284 19.06 24.48 -1.43
CA LEU A 284 18.18 24.07 -0.33
C LEU A 284 18.43 22.64 0.11
N LEU A 285 18.94 21.79 -0.79
CA LEU A 285 19.04 20.36 -0.48
C LEU A 285 20.00 20.08 0.68
N ALA A 286 21.01 20.93 0.88
CA ALA A 286 22.02 20.70 1.90
C ALA A 286 21.75 21.44 3.20
N MET A 287 20.62 22.14 3.31
CA MET A 287 20.35 22.96 4.48
C MET A 287 19.55 22.18 5.51
N ASP A 288 19.95 22.27 6.77
CA ASP A 288 19.23 21.64 7.86
C ASP A 288 18.09 22.50 8.39
N ASN A 289 18.10 23.80 8.11
CA ASN A 289 17.06 24.69 8.59
C ASN A 289 15.88 24.81 7.64
N VAL A 290 15.76 23.90 6.67
CA VAL A 290 14.61 23.89 5.76
C VAL A 290 14.02 22.49 5.72
N VAL A 291 12.70 22.43 5.51
CA VAL A 291 11.98 21.18 5.32
C VAL A 291 11.29 21.24 3.96
N LEU A 292 11.54 20.25 3.12
CA LEU A 292 11.10 20.25 1.72
C LEU A 292 10.26 19.02 1.44
N LEU A 293 9.02 19.24 1.00
CA LEU A 293 8.08 18.17 0.67
C LEU A 293 7.66 18.27 -0.79
N PRO A 294 7.33 17.14 -1.44
CA PRO A 294 6.99 17.14 -2.88
C PRO A 294 5.52 17.41 -3.15
N HIS A 295 5.03 18.56 -2.67
CA HIS A 295 3.65 19.01 -2.87
C HIS A 295 2.65 17.92 -2.45
N VAL A 296 2.63 17.67 -1.14
CA VAL A 296 1.84 16.62 -0.53
C VAL A 296 0.68 17.17 0.29
N GLY A 297 0.35 18.45 0.11
CA GLY A 297 -0.69 19.08 0.90
C GLY A 297 -1.97 18.26 0.97
N SER A 298 -2.51 17.91 -0.20
CA SER A 298 -3.76 17.16 -0.27
C SER A 298 -3.55 15.66 -0.42
N GLY A 299 -2.30 15.19 -0.39
CA GLY A 299 -2.00 13.82 -0.75
C GLY A 299 -2.24 12.77 0.33
N THR A 300 -3.46 12.65 0.81
CA THR A 300 -3.84 11.55 1.69
C THR A 300 -4.84 10.65 0.97
N VAL A 301 -4.91 9.40 1.44
CA VAL A 301 -5.87 8.45 0.90
C VAL A 301 -7.29 9.01 1.01
N GLU A 302 -7.61 9.60 2.17
CA GLU A 302 -8.96 10.05 2.43
C GLU A 302 -9.33 11.26 1.57
N THR A 303 -8.45 12.27 1.54
CA THR A 303 -8.78 13.51 0.82
C THR A 303 -8.81 13.29 -0.68
N ARG A 304 -7.81 12.59 -1.22
CA ARG A 304 -7.76 12.37 -2.66
C ARG A 304 -8.98 11.60 -3.15
N LYS A 305 -9.49 10.67 -2.33
CA LYS A 305 -10.74 10.00 -2.67
C LYS A 305 -11.91 10.98 -2.68
N ASP A 306 -11.95 11.88 -1.70
CA ASP A 306 -13.01 12.88 -1.66
C ASP A 306 -12.93 13.85 -2.84
N MET A 307 -11.71 14.24 -3.22
CA MET A 307 -11.53 15.11 -4.37
C MET A 307 -11.97 14.43 -5.66
N ALA A 308 -11.57 13.16 -5.83
CA ALA A 308 -11.94 12.42 -7.03
C ALA A 308 -13.45 12.28 -7.17
N ASP A 309 -14.13 11.94 -6.09
CA ASP A 309 -15.58 11.79 -6.14
C ASP A 309 -16.27 13.12 -6.41
N LEU A 310 -15.64 14.24 -6.03
CA LEU A 310 -16.24 15.54 -6.30
C LEU A 310 -16.10 15.93 -7.76
N VAL A 311 -14.94 15.66 -8.36
CA VAL A 311 -14.76 15.92 -9.80
C VAL A 311 -15.75 15.10 -10.61
N LEU A 312 -15.87 13.81 -10.28
CA LEU A 312 -16.83 12.95 -10.96
C LEU A 312 -18.26 13.43 -10.74
N GLY A 313 -18.56 13.90 -9.53
CA GLY A 313 -19.90 14.38 -9.24
C GLY A 313 -20.27 15.64 -10.01
N ASN A 314 -19.28 16.47 -10.32
CA ASN A 314 -19.55 17.68 -11.09
C ASN A 314 -19.73 17.38 -12.58
N LEU A 315 -18.91 16.47 -13.12
CA LEU A 315 -19.07 16.05 -14.50
C LEU A 315 -20.42 15.39 -14.73
N GLU A 316 -20.81 14.48 -13.84
CA GLU A 316 -22.09 13.79 -13.97
C GLU A 316 -23.25 14.78 -13.91
N ALA A 317 -23.24 15.68 -12.93
CA ALA A 317 -24.32 16.66 -12.82
C ALA A 317 -24.40 17.56 -14.04
N HIS A 318 -23.23 17.93 -14.60
CA HIS A 318 -23.22 18.81 -15.76
C HIS A 318 -23.87 18.14 -16.98
N PHE A 319 -23.39 16.95 -17.34
CA PHE A 319 -23.86 16.28 -18.54
C PHE A 319 -25.23 15.64 -18.37
N LEU A 320 -25.78 15.63 -17.16
CA LEU A 320 -27.16 15.25 -16.93
C LEU A 320 -28.08 16.45 -16.80
N ASN A 321 -27.58 17.65 -17.09
CA ASN A 321 -28.34 18.90 -17.00
C ASN A 321 -28.85 19.14 -15.58
N LYS A 322 -28.08 18.72 -14.59
CA LYS A 322 -28.37 18.97 -13.18
C LYS A 322 -27.48 20.07 -12.65
N PRO A 323 -27.90 20.74 -11.57
CA PRO A 323 -27.06 21.79 -10.98
C PRO A 323 -25.72 21.24 -10.49
N LEU A 324 -24.65 21.98 -10.79
CA LEU A 324 -23.32 21.54 -10.41
C LEU A 324 -23.18 21.50 -8.89
N LEU A 325 -22.13 20.81 -8.44
CA LEU A 325 -21.90 20.63 -7.01
C LEU A 325 -21.06 21.76 -6.42
N THR A 326 -19.89 22.02 -7.00
CA THR A 326 -18.98 23.05 -6.51
C THR A 326 -18.54 23.99 -7.63
N PRO A 327 -19.47 24.74 -8.21
CA PRO A 327 -19.12 25.65 -9.30
C PRO A 327 -18.43 26.90 -8.79
N VAL A 328 -17.52 27.44 -9.60
CA VAL A 328 -16.89 28.72 -9.33
C VAL A 328 -17.40 29.80 -10.27
N VAL A 329 -17.48 29.49 -11.56
CA VAL A 329 -18.09 30.43 -12.50
C VAL A 329 -18.98 29.66 -13.48
N GLU B 18 35.72 -20.26 5.76
CA GLU B 18 35.72 -19.76 7.12
C GLU B 18 34.67 -18.68 7.29
N SER B 19 34.70 -17.96 8.42
CA SER B 19 33.69 -16.93 8.63
C SER B 19 33.95 -15.78 7.67
N ILE B 20 33.62 -16.00 6.39
CA ILE B 20 33.68 -14.99 5.35
C ILE B 20 32.26 -14.57 5.00
N GLY B 21 32.09 -13.28 4.71
CA GLY B 21 30.77 -12.75 4.41
C GLY B 21 30.30 -13.19 3.03
N VAL B 22 29.19 -13.93 2.98
CA VAL B 22 28.63 -14.42 1.72
C VAL B 22 27.18 -13.96 1.63
N LEU B 23 26.81 -13.38 0.49
CA LEU B 23 25.45 -12.92 0.25
C LEU B 23 24.74 -13.95 -0.63
N LEU B 24 23.62 -14.46 -0.14
CA LEU B 24 22.77 -15.38 -0.88
C LEU B 24 21.56 -14.59 -1.39
N THR B 25 21.42 -14.50 -2.71
CA THR B 25 20.50 -13.52 -3.27
C THR B 25 19.03 -13.91 -3.10
N CYS B 26 18.70 -15.20 -3.15
CA CYS B 26 17.32 -15.65 -3.02
C CYS B 26 17.32 -17.12 -2.64
N PRO B 27 16.22 -17.63 -2.04
CA PRO B 27 16.21 -19.04 -1.63
C PRO B 27 16.34 -20.01 -2.81
N MET B 28 17.58 -20.22 -3.25
CA MET B 28 17.83 -21.05 -4.43
C MET B 28 17.63 -22.53 -4.13
N ASN B 29 18.17 -23.00 -3.02
CA ASN B 29 18.38 -24.42 -2.79
C ASN B 29 18.65 -24.64 -1.31
N PRO B 30 17.87 -25.49 -0.64
CA PRO B 30 18.03 -25.63 0.82
C PRO B 30 19.40 -26.14 1.23
N TYR B 31 19.97 -27.09 0.47
CA TYR B 31 21.27 -27.64 0.83
C TYR B 31 22.37 -26.60 0.67
N LEU B 32 22.34 -25.84 -0.42
CA LEU B 32 23.33 -24.77 -0.62
C LEU B 32 23.25 -23.73 0.49
N GLU B 33 22.03 -23.30 0.85
CA GLU B 33 21.87 -22.31 1.92
C GLU B 33 22.37 -22.85 3.24
N GLN B 34 22.07 -24.13 3.53
CA GLN B 34 22.51 -24.72 4.80
C GLN B 34 24.03 -24.85 4.84
N GLU B 35 24.64 -25.23 3.71
CA GLU B 35 26.09 -25.33 3.66
C GLU B 35 26.74 -23.96 3.75
N LEU B 36 26.16 -22.95 3.10
CA LEU B 36 26.68 -21.60 3.20
C LEU B 36 26.63 -21.08 4.63
N ASP B 37 25.54 -21.41 5.35
CA ASP B 37 25.41 -20.98 6.73
C ASP B 37 26.44 -21.64 7.64
N LYS B 38 26.89 -22.85 7.30
CA LYS B 38 27.81 -23.58 8.17
C LYS B 38 29.27 -23.24 7.91
N ARG B 39 29.64 -23.05 6.64
CA ARG B 39 31.02 -22.80 6.30
C ARG B 39 31.37 -21.32 6.28
N PHE B 40 30.40 -20.44 6.03
CA PHE B 40 30.64 -19.02 5.83
C PHE B 40 29.79 -18.21 6.79
N LYS B 41 29.95 -16.89 6.72
CA LYS B 41 29.07 -15.96 7.40
C LYS B 41 27.97 -15.59 6.42
N LEU B 42 26.82 -16.24 6.55
CA LEU B 42 25.77 -16.16 5.54
C LEU B 42 24.90 -14.93 5.76
N PHE B 43 24.70 -14.17 4.68
CA PHE B 43 23.73 -13.09 4.65
C PHE B 43 22.63 -13.48 3.65
N ARG B 44 21.39 -13.53 4.13
CA ARG B 44 20.27 -13.83 3.27
C ARG B 44 19.67 -12.54 2.74
N PHE B 45 19.75 -12.34 1.42
CA PHE B 45 19.32 -11.10 0.80
C PHE B 45 17.87 -10.76 1.12
N TRP B 46 17.03 -11.78 1.31
CA TRP B 46 15.61 -11.58 1.55
C TRP B 46 15.30 -11.30 3.02
N ASP B 47 16.29 -11.34 3.90
CA ASP B 47 16.09 -10.91 5.28
C ASP B 47 16.14 -9.40 5.44
N PHE B 48 16.32 -8.67 4.35
CA PHE B 48 16.42 -7.22 4.38
C PHE B 48 15.28 -6.59 3.59
N PRO B 49 14.57 -5.61 4.15
CA PRO B 49 13.41 -5.05 3.44
C PRO B 49 13.74 -4.52 2.06
N SER B 50 14.90 -3.90 1.88
CA SER B 50 15.37 -3.46 0.58
C SER B 50 16.85 -3.80 0.47
N ALA B 51 17.37 -3.75 -0.77
CA ALA B 51 18.79 -3.98 -0.98
C ALA B 51 19.64 -2.95 -0.25
N ASN B 52 19.23 -1.67 -0.28
CA ASN B 52 20.00 -0.63 0.39
C ASN B 52 19.99 -0.77 1.91
N ASP B 53 19.00 -1.46 2.48
CA ASP B 53 19.04 -1.78 3.90
C ASP B 53 20.18 -2.75 4.20
N LEU B 54 20.49 -3.66 3.27
CA LEU B 54 21.66 -4.51 3.42
C LEU B 54 22.93 -3.70 3.22
N PHE B 55 22.98 -2.91 2.14
CA PHE B 55 24.18 -2.14 1.81
C PHE B 55 24.54 -1.15 2.92
N ARG B 56 23.54 -0.56 3.58
CA ARG B 56 23.82 0.48 4.56
C ARG B 56 24.43 -0.08 5.83
N GLU B 57 24.11 -1.34 6.17
CA GLU B 57 24.58 -1.93 7.41
C GLU B 57 25.73 -2.91 7.21
N HIS B 58 25.91 -3.46 6.01
CA HIS B 58 26.90 -4.51 5.79
C HIS B 58 27.63 -4.34 4.47
N SER B 59 27.87 -3.10 4.04
CA SER B 59 28.53 -2.86 2.76
C SER B 59 29.85 -3.61 2.64
N ASN B 60 30.63 -3.64 3.73
CA ASN B 60 31.95 -4.24 3.72
C ASN B 60 31.96 -5.66 4.26
N SER B 61 30.82 -6.16 4.73
CA SER B 61 30.77 -7.51 5.29
C SER B 61 30.74 -8.59 4.22
N ILE B 62 30.37 -8.26 2.99
CA ILE B 62 30.14 -9.25 1.94
C ILE B 62 31.38 -9.34 1.06
N ARG B 63 32.00 -10.53 1.05
CA ARG B 63 33.13 -10.80 0.19
C ARG B 63 32.79 -11.70 -1.00
N ALA B 64 31.66 -12.40 -0.94
CA ALA B 64 31.22 -13.27 -2.02
C ALA B 64 29.73 -13.12 -2.21
N VAL B 65 29.29 -13.22 -3.46
CA VAL B 65 27.87 -13.18 -3.80
C VAL B 65 27.52 -14.49 -4.50
N VAL B 66 26.48 -15.15 -4.01
CA VAL B 66 25.94 -16.35 -4.63
C VAL B 66 24.56 -16.00 -5.18
N GLY B 67 24.45 -15.96 -6.52
CA GLY B 67 23.22 -15.62 -7.18
C GLY B 67 22.79 -16.70 -8.16
N ASN B 68 21.69 -16.42 -8.86
CA ASN B 68 21.17 -17.34 -9.86
C ASN B 68 20.57 -16.53 -11.01
N SER B 69 19.69 -17.17 -11.78
CA SER B 69 19.05 -16.51 -12.92
C SER B 69 18.01 -15.48 -12.50
N PHE B 70 17.61 -15.45 -11.24
CA PHE B 70 16.61 -14.49 -10.76
C PHE B 70 17.28 -13.20 -10.30
N ILE B 71 18.21 -13.30 -9.37
CA ILE B 71 19.02 -12.17 -8.91
C ILE B 71 20.48 -12.57 -8.99
N GLY B 72 21.29 -11.78 -9.69
CA GLY B 72 22.70 -12.05 -9.79
C GLY B 72 23.51 -10.97 -9.10
N ALA B 73 24.45 -10.37 -9.82
CA ALA B 73 25.25 -9.25 -9.31
C ALA B 73 25.30 -8.17 -10.38
N ASP B 74 24.36 -7.22 -10.31
CA ASP B 74 24.29 -6.16 -11.30
C ASP B 74 25.21 -4.99 -10.90
N ALA B 75 25.24 -3.96 -11.74
CA ALA B 75 26.15 -2.84 -11.54
C ALA B 75 25.94 -2.16 -10.18
N GLN B 76 24.68 -1.96 -9.77
CA GLN B 76 24.44 -1.28 -8.50
C GLN B 76 24.95 -2.10 -7.32
N MET B 77 24.76 -3.42 -7.35
CA MET B 77 25.21 -4.26 -6.25
C MET B 77 26.72 -4.30 -6.16
N ILE B 78 27.40 -4.35 -7.30
CA ILE B 78 28.86 -4.37 -7.32
C ILE B 78 29.43 -3.15 -6.60
N GLU B 79 28.86 -1.97 -6.87
CA GLU B 79 29.41 -0.75 -6.29
C GLU B 79 29.07 -0.59 -4.81
N ALA B 80 27.94 -1.14 -4.37
CA ALA B 80 27.56 -1.05 -2.97
C ALA B 80 28.31 -2.03 -2.07
N LEU B 81 29.01 -3.00 -2.65
CA LEU B 81 29.77 -4.00 -1.90
C LEU B 81 31.21 -3.94 -2.38
N PRO B 82 31.99 -2.96 -1.91
CA PRO B 82 33.33 -2.76 -2.47
C PRO B 82 34.33 -3.85 -2.14
N LYS B 83 34.05 -4.70 -1.14
CA LYS B 83 34.97 -5.76 -0.75
C LYS B 83 34.69 -7.07 -1.45
N MET B 84 33.79 -7.07 -2.44
CA MET B 84 33.42 -8.28 -3.16
C MET B 84 34.61 -8.83 -3.97
N GLU B 85 34.84 -10.13 -3.84
CA GLU B 85 35.92 -10.81 -4.55
C GLU B 85 35.44 -11.77 -5.62
N ILE B 86 34.27 -12.38 -5.46
CA ILE B 86 33.83 -13.44 -6.35
C ILE B 86 32.31 -13.48 -6.39
N VAL B 87 31.77 -13.73 -7.59
CA VAL B 87 30.37 -14.06 -7.79
C VAL B 87 30.31 -15.49 -8.31
N SER B 88 29.72 -16.38 -7.52
CA SER B 88 29.54 -17.78 -7.88
C SER B 88 28.06 -18.00 -8.17
N SER B 89 27.74 -18.24 -9.45
CA SER B 89 26.35 -18.28 -9.90
C SER B 89 25.78 -19.69 -9.83
N PHE B 90 24.56 -19.79 -9.30
CA PHE B 90 23.80 -21.04 -9.28
C PHE B 90 23.04 -21.19 -10.59
N SER B 91 23.81 -21.22 -11.67
CA SER B 91 23.30 -21.08 -13.03
C SER B 91 24.45 -21.29 -13.98
N VAL B 92 24.12 -21.57 -15.24
CA VAL B 92 25.11 -21.54 -16.32
C VAL B 92 25.02 -20.17 -16.99
N GLY B 93 23.84 -19.54 -16.92
CA GLY B 93 23.65 -18.26 -17.56
C GLY B 93 24.25 -17.13 -16.75
N LEU B 94 24.75 -16.12 -17.46
CA LEU B 94 25.46 -14.99 -16.84
C LEU B 94 24.78 -13.66 -17.10
N ASP B 95 23.53 -13.67 -17.57
CA ASP B 95 22.84 -12.44 -17.95
C ASP B 95 22.40 -11.61 -16.75
N LYS B 96 22.61 -12.08 -15.53
CA LYS B 96 22.30 -11.32 -14.33
C LYS B 96 23.56 -10.83 -13.61
N ILE B 97 24.73 -10.98 -14.23
CA ILE B 97 26.01 -10.59 -13.65
C ILE B 97 26.68 -9.59 -14.58
N ASP B 98 27.10 -8.45 -14.03
CA ASP B 98 27.86 -7.48 -14.80
C ASP B 98 29.28 -7.99 -14.99
N LEU B 99 29.48 -8.80 -16.05
CA LEU B 99 30.78 -9.45 -16.24
C LEU B 99 31.88 -8.44 -16.55
N VAL B 100 31.59 -7.42 -17.36
CA VAL B 100 32.63 -6.46 -17.72
C VAL B 100 33.05 -5.65 -16.50
N ARG B 101 32.09 -5.24 -15.68
CA ARG B 101 32.43 -4.52 -14.46
C ARG B 101 33.16 -5.42 -13.48
N CYS B 102 32.85 -6.73 -13.48
CA CYS B 102 33.53 -7.65 -12.59
C CYS B 102 35.01 -7.75 -12.93
N LYS B 103 35.34 -7.84 -14.22
CA LYS B 103 36.73 -7.88 -14.63
C LYS B 103 37.45 -6.57 -14.35
N GLU B 104 36.74 -5.44 -14.48
CA GLU B 104 37.34 -4.15 -14.19
C GLU B 104 37.75 -4.04 -12.73
N LYS B 105 36.94 -4.59 -11.82
CA LYS B 105 37.16 -4.45 -10.39
C LYS B 105 37.84 -5.66 -9.76
N GLY B 106 38.44 -6.53 -10.57
CA GLY B 106 39.13 -7.68 -10.02
C GLY B 106 38.24 -8.64 -9.26
N ILE B 107 37.01 -8.85 -9.73
CA ILE B 107 36.06 -9.77 -9.12
C ILE B 107 35.97 -11.01 -9.99
N ARG B 108 36.23 -12.18 -9.39
CA ARG B 108 36.09 -13.43 -10.12
C ARG B 108 34.62 -13.77 -10.32
N VAL B 109 34.34 -14.52 -11.39
CA VAL B 109 33.00 -15.01 -11.67
C VAL B 109 33.09 -16.48 -12.05
N THR B 110 32.24 -17.29 -11.46
CA THR B 110 32.12 -18.71 -11.80
C THR B 110 30.65 -19.04 -12.02
N ASN B 111 30.40 -20.13 -12.74
CA ASN B 111 29.05 -20.60 -13.00
C ASN B 111 29.04 -22.12 -12.85
N THR B 112 27.96 -22.75 -13.33
CA THR B 112 27.78 -24.20 -13.25
C THR B 112 27.53 -24.75 -14.66
N PRO B 113 28.56 -24.85 -15.48
CA PRO B 113 28.40 -25.43 -16.82
C PRO B 113 28.40 -26.94 -16.80
N ASP B 114 27.80 -27.52 -17.85
CA ASP B 114 27.82 -28.95 -18.13
C ASP B 114 26.95 -29.75 -17.16
N VAL B 115 26.90 -29.35 -15.89
CA VAL B 115 26.19 -30.14 -14.89
C VAL B 115 24.67 -30.09 -15.05
N LEU B 116 24.14 -29.17 -15.86
CA LEU B 116 22.70 -29.11 -16.11
C LEU B 116 22.34 -29.35 -17.57
N THR B 117 23.30 -29.69 -18.43
CA THR B 117 23.03 -29.86 -19.85
C THR B 117 21.98 -30.95 -20.10
N GLU B 118 22.15 -32.12 -19.47
CA GLU B 118 21.27 -33.24 -19.74
C GLU B 118 19.83 -32.93 -19.33
N ASP B 119 19.64 -32.34 -18.15
CA ASP B 119 18.28 -32.08 -17.67
C ASP B 119 17.59 -31.01 -18.51
N VAL B 120 18.33 -29.98 -18.90
CA VAL B 120 17.75 -28.94 -19.76
C VAL B 120 17.42 -29.51 -21.13
N ALA B 121 18.32 -30.32 -21.71
CA ALA B 121 18.05 -30.95 -23.00
C ALA B 121 16.85 -31.90 -22.92
N ASP B 122 16.73 -32.64 -21.81
CA ASP B 122 15.57 -33.51 -21.64
C ASP B 122 14.27 -32.72 -21.60
N LEU B 123 14.30 -31.51 -21.01
CA LEU B 123 13.09 -30.71 -20.91
C LEU B 123 12.68 -30.15 -22.26
N ALA B 124 13.65 -29.80 -23.11
CA ALA B 124 13.32 -29.35 -24.46
C ALA B 124 12.58 -30.45 -25.22
N LEU B 125 13.08 -31.68 -25.14
CA LEU B 125 12.39 -32.81 -25.75
C LEU B 125 11.05 -33.05 -25.09
N ALA B 126 10.95 -32.80 -23.79
CA ALA B 126 9.66 -32.91 -23.11
C ALA B 126 8.69 -31.84 -23.58
N LEU B 127 9.17 -30.61 -23.81
CA LEU B 127 8.29 -29.54 -24.29
C LEU B 127 7.82 -29.80 -25.71
N ILE B 128 8.68 -30.36 -26.56
CA ILE B 128 8.29 -30.64 -27.94
C ILE B 128 7.18 -31.68 -27.97
N LEU B 129 7.37 -32.78 -27.22
CA LEU B 129 6.35 -33.83 -27.21
C LEU B 129 5.07 -33.35 -26.56
N ALA B 130 5.17 -32.55 -25.49
CA ALA B 130 3.98 -32.06 -24.81
C ALA B 130 3.16 -31.14 -25.69
N THR B 131 3.81 -30.40 -26.59
CA THR B 131 3.10 -29.51 -27.49
C THR B 131 2.51 -30.27 -28.68
N LEU B 132 3.35 -31.00 -29.41
CA LEU B 132 2.90 -31.68 -30.62
C LEU B 132 1.83 -32.72 -30.31
N ARG B 133 2.03 -33.53 -29.27
CA ARG B 133 1.10 -34.60 -28.93
C ARG B 133 0.06 -34.17 -27.89
N ARG B 134 0.09 -32.91 -27.46
CA ARG B 134 -0.90 -32.35 -26.54
C ARG B 134 -1.08 -33.22 -25.29
N ILE B 135 0.05 -33.52 -24.63
CA ILE B 135 0.03 -34.43 -23.48
C ILE B 135 -0.70 -33.79 -22.31
N CYS B 136 -0.40 -32.52 -22.01
CA CYS B 136 -1.06 -31.86 -20.89
C CYS B 136 -2.54 -31.65 -21.17
N GLU B 137 -2.89 -31.36 -22.43
CA GLU B 137 -4.29 -31.27 -22.80
C GLU B 137 -4.99 -32.62 -22.70
N SER B 138 -4.31 -33.68 -23.15
CA SER B 138 -4.87 -35.03 -23.04
C SER B 138 -5.08 -35.41 -21.58
N ASP B 139 -4.13 -35.03 -20.72
CA ASP B 139 -4.27 -35.34 -19.29
C ASP B 139 -5.42 -34.55 -18.67
N ARG B 140 -5.52 -33.26 -18.97
CA ARG B 140 -6.66 -32.47 -18.53
C ARG B 140 -7.96 -33.02 -19.08
N TYR B 141 -7.91 -33.60 -20.28
CA TYR B 141 -9.09 -34.19 -20.89
C TYR B 141 -9.62 -35.37 -20.09
N VAL B 142 -8.73 -36.30 -19.73
CA VAL B 142 -9.13 -37.49 -18.98
C VAL B 142 -9.65 -37.10 -17.60
N ARG B 143 -8.88 -36.29 -16.87
CA ARG B 143 -9.22 -36.01 -15.48
C ARG B 143 -10.51 -35.21 -15.32
N SER B 144 -10.94 -34.49 -16.35
CA SER B 144 -12.22 -33.79 -16.30
C SER B 144 -13.39 -34.69 -16.65
N GLY B 145 -13.16 -35.94 -17.05
CA GLY B 145 -14.22 -36.86 -17.37
C GLY B 145 -14.76 -36.78 -18.78
N SER B 146 -14.14 -36.00 -19.67
CA SER B 146 -14.69 -35.82 -21.01
C SER B 146 -14.37 -36.99 -21.93
N TRP B 147 -13.50 -37.91 -21.51
CA TRP B 147 -13.25 -39.11 -22.30
C TRP B 147 -14.45 -40.04 -22.28
N LYS B 148 -15.35 -39.90 -21.31
CA LYS B 148 -16.58 -40.66 -21.32
C LYS B 148 -17.48 -40.29 -22.50
N LYS B 149 -17.31 -39.09 -23.05
CA LYS B 149 -18.15 -38.61 -24.15
C LYS B 149 -17.59 -39.00 -25.51
N GLY B 150 -16.28 -39.02 -25.68
CA GLY B 150 -15.71 -39.34 -26.98
C GLY B 150 -14.20 -39.30 -26.94
N ASP B 151 -13.61 -39.67 -28.07
CA ASP B 151 -12.16 -39.71 -28.19
C ASP B 151 -11.56 -38.30 -28.25
N PHE B 152 -10.31 -38.19 -27.82
CA PHE B 152 -9.60 -36.93 -27.90
C PHE B 152 -9.22 -36.65 -29.35
N LYS B 153 -9.13 -35.35 -29.68
CA LYS B 153 -8.76 -34.92 -31.02
C LYS B 153 -7.45 -35.53 -31.48
N LEU B 154 -7.25 -35.63 -32.79
CA LEU B 154 -5.97 -36.08 -33.32
C LEU B 154 -4.94 -34.97 -33.18
N THR B 155 -3.68 -35.38 -32.98
CA THR B 155 -2.61 -34.42 -32.77
C THR B 155 -1.57 -34.52 -33.88
N THR B 156 -0.33 -34.10 -33.59
CA THR B 156 0.70 -33.93 -34.61
C THR B 156 1.89 -34.85 -34.32
N LYS B 157 2.31 -35.57 -35.35
CA LYS B 157 3.43 -36.51 -35.22
C LYS B 157 4.75 -35.76 -35.06
N PHE B 158 5.56 -36.22 -34.10
CA PHE B 158 6.87 -35.63 -33.84
C PHE B 158 7.97 -36.23 -34.72
N THR B 159 8.08 -37.56 -34.73
CA THR B 159 9.10 -38.26 -35.49
C THR B 159 9.20 -37.76 -36.92
N GLY B 160 10.43 -37.44 -37.34
CA GLY B 160 10.70 -37.05 -38.71
C GLY B 160 10.58 -35.57 -39.01
N LYS B 161 10.01 -34.77 -38.11
CA LYS B 161 9.85 -33.34 -38.38
C LYS B 161 11.16 -32.60 -38.21
N SER B 162 11.30 -31.51 -38.95
CA SER B 162 12.53 -30.73 -38.97
C SER B 162 12.66 -29.89 -37.71
N VAL B 163 13.81 -30.01 -37.05
CA VAL B 163 14.09 -29.31 -35.80
C VAL B 163 15.18 -28.27 -36.05
N GLY B 164 14.88 -27.02 -35.73
CA GLY B 164 15.85 -25.93 -35.82
C GLY B 164 16.27 -25.44 -34.45
N ILE B 165 17.58 -25.37 -34.24
CA ILE B 165 18.15 -25.03 -32.94
C ILE B 165 18.93 -23.74 -33.07
N ILE B 166 18.59 -22.74 -32.25
CA ILE B 166 19.32 -21.49 -32.19
C ILE B 166 20.44 -21.68 -31.16
N GLY B 167 21.66 -21.92 -31.65
CA GLY B 167 22.79 -22.13 -30.76
C GLY B 167 23.15 -23.58 -30.57
N LEU B 168 24.26 -24.01 -31.15
CA LEU B 168 24.70 -25.40 -31.06
C LEU B 168 25.82 -25.57 -30.03
N GLY B 169 25.56 -25.10 -28.81
CA GLY B 169 26.48 -25.29 -27.70
C GLY B 169 26.28 -26.64 -27.04
N ARG B 170 26.67 -26.71 -25.77
CA ARG B 170 26.51 -27.95 -25.00
C ARG B 170 25.04 -28.37 -24.93
N ILE B 171 24.17 -27.42 -24.59
CA ILE B 171 22.75 -27.75 -24.48
C ILE B 171 22.15 -27.96 -25.86
N GLY B 172 22.52 -27.12 -26.83
CA GLY B 172 22.05 -27.30 -28.19
C GLY B 172 22.48 -28.61 -28.80
N SER B 173 23.74 -29.00 -28.58
CA SER B 173 24.21 -30.28 -29.11
C SER B 173 23.52 -31.46 -28.43
N ALA B 174 23.13 -31.30 -27.16
CA ALA B 174 22.44 -32.38 -26.46
C ALA B 174 20.99 -32.52 -26.91
N ILE B 175 20.31 -31.39 -27.18
CA ILE B 175 18.96 -31.46 -27.74
C ILE B 175 18.97 -32.13 -29.10
N ALA B 176 19.92 -31.75 -29.96
CA ALA B 176 20.01 -32.34 -31.29
C ALA B 176 20.27 -33.84 -31.21
N LYS B 177 21.12 -34.25 -30.25
CA LYS B 177 21.41 -35.67 -30.09
C LYS B 177 20.16 -36.46 -29.75
N ARG B 178 19.26 -35.88 -28.95
CA ARG B 178 18.04 -36.58 -28.58
C ARG B 178 17.02 -36.58 -29.71
N ALA B 179 16.91 -35.48 -30.46
CA ALA B 179 15.97 -35.44 -31.57
C ALA B 179 16.38 -36.39 -32.70
N GLU B 180 17.68 -36.64 -32.84
CA GLU B 180 18.13 -37.60 -33.85
C GLU B 180 17.57 -38.99 -33.60
N GLY B 181 17.37 -39.35 -32.34
CA GLY B 181 16.74 -40.62 -32.03
C GLY B 181 15.31 -40.72 -32.53
N PHE B 182 14.66 -39.57 -32.74
CA PHE B 182 13.35 -39.51 -33.35
C PHE B 182 13.42 -39.29 -34.87
N SER B 183 14.59 -39.51 -35.47
CA SER B 183 14.78 -39.40 -36.93
C SER B 183 14.45 -38.00 -37.44
N CYS B 184 14.72 -36.99 -36.61
CA CYS B 184 14.43 -35.60 -36.98
C CYS B 184 15.59 -35.02 -37.77
N PRO B 185 15.34 -34.38 -38.91
CA PRO B 185 16.40 -33.58 -39.55
C PRO B 185 16.76 -32.39 -38.68
N ILE B 186 18.05 -32.17 -38.49
CA ILE B 186 18.56 -31.16 -37.56
C ILE B 186 19.19 -30.02 -38.35
N SER B 187 18.81 -28.80 -38.00
CA SER B 187 19.46 -27.59 -38.48
C SER B 187 19.78 -26.71 -37.28
N TYR B 188 20.70 -25.77 -37.47
CA TYR B 188 21.13 -24.88 -36.41
C TYR B 188 21.42 -23.52 -37.02
N HIS B 189 21.60 -22.51 -36.17
CA HIS B 189 21.70 -21.16 -36.69
C HIS B 189 22.77 -20.33 -36.01
N SER B 190 23.30 -19.40 -36.79
CA SER B 190 24.03 -18.22 -36.36
C SER B 190 25.35 -18.43 -35.62
N ARG B 191 25.89 -17.34 -35.08
CA ARG B 191 27.24 -17.25 -34.54
C ARG B 191 28.16 -17.58 -35.71
N THR B 192 28.95 -18.65 -35.66
CA THR B 192 29.72 -19.10 -36.81
C THR B 192 29.40 -20.57 -37.04
N GLU B 193 29.60 -21.02 -38.27
CA GLU B 193 29.36 -22.41 -38.61
C GLU B 193 30.22 -23.34 -37.76
N LYS B 194 29.60 -24.35 -37.17
CA LYS B 194 30.32 -25.31 -36.35
C LYS B 194 31.05 -26.29 -37.24
N PRO B 195 32.35 -26.54 -37.02
CA PRO B 195 33.08 -27.48 -37.87
C PRO B 195 32.78 -28.93 -37.52
N GLY B 196 32.74 -29.77 -38.54
CA GLY B 196 32.60 -31.20 -38.34
C GLY B 196 31.22 -31.69 -38.02
N THR B 197 30.17 -30.90 -38.29
CA THR B 197 28.80 -31.31 -38.03
C THR B 197 28.09 -31.61 -39.34
N ASN B 198 27.13 -32.54 -39.26
CA ASN B 198 26.30 -32.89 -40.40
C ASN B 198 24.95 -32.18 -40.39
N TYR B 199 24.68 -31.35 -39.38
CA TYR B 199 23.47 -30.55 -39.38
C TYR B 199 23.60 -29.42 -40.41
N LYS B 200 22.46 -28.91 -40.84
CA LYS B 200 22.43 -27.87 -41.86
C LYS B 200 22.53 -26.50 -41.17
N TYR B 201 23.54 -25.72 -41.58
CA TYR B 201 23.75 -24.38 -41.03
C TYR B 201 22.95 -23.36 -41.80
N TYR B 202 22.34 -22.43 -41.07
CA TYR B 202 21.58 -21.33 -41.67
C TYR B 202 22.14 -20.01 -41.15
N PRO B 203 22.61 -19.12 -42.02
CA PRO B 203 23.20 -17.86 -41.55
C PRO B 203 22.20 -16.89 -40.93
N SER B 204 20.90 -17.13 -41.07
CA SER B 204 19.89 -16.27 -40.48
C SER B 204 18.88 -17.11 -39.71
N VAL B 205 18.29 -16.49 -38.67
CA VAL B 205 17.28 -17.17 -37.88
C VAL B 205 15.96 -17.25 -38.65
N VAL B 206 15.66 -16.24 -39.47
CA VAL B 206 14.41 -16.23 -40.24
C VAL B 206 14.41 -17.39 -41.24
N GLU B 207 15.56 -17.68 -41.83
CA GLU B 207 15.65 -18.82 -42.75
C GLU B 207 15.67 -20.14 -42.00
N LEU B 208 16.24 -20.16 -40.80
CA LEU B 208 16.13 -21.36 -39.96
C LEU B 208 14.66 -21.64 -39.63
N ALA B 209 13.90 -20.60 -39.28
CA ALA B 209 12.50 -20.79 -38.92
C ALA B 209 11.67 -21.20 -40.13
N SER B 210 11.97 -20.65 -41.32
CA SER B 210 11.18 -20.97 -42.50
C SER B 210 11.35 -22.44 -42.90
N ASN B 211 12.48 -23.05 -42.57
CA ASN B 211 12.78 -24.42 -42.95
C ASN B 211 12.69 -25.39 -41.78
N CYS B 212 11.94 -25.03 -40.74
CA CYS B 212 11.77 -25.92 -39.60
C CYS B 212 10.36 -25.77 -39.05
N GLN B 213 9.89 -26.83 -38.38
CA GLN B 213 8.60 -26.82 -37.72
C GLN B 213 8.72 -26.72 -36.20
N ILE B 214 9.90 -26.97 -35.65
CA ILE B 214 10.15 -26.84 -34.22
C ILE B 214 11.36 -25.93 -34.05
N LEU B 215 11.15 -24.78 -33.42
CA LEU B 215 12.19 -23.76 -33.24
C LEU B 215 12.60 -23.75 -31.78
N VAL B 216 13.83 -24.15 -31.48
CA VAL B 216 14.30 -24.34 -30.12
C VAL B 216 15.31 -23.25 -29.78
N VAL B 217 15.00 -22.49 -28.73
CA VAL B 217 15.93 -21.49 -28.20
C VAL B 217 16.82 -22.17 -27.16
N ALA B 218 18.12 -22.21 -27.43
CA ALA B 218 19.08 -22.84 -26.54
C ALA B 218 20.38 -22.06 -26.51
N CYS B 219 20.29 -20.75 -26.57
CA CYS B 219 21.45 -19.86 -26.66
C CYS B 219 21.52 -18.98 -25.42
N ALA B 220 22.67 -18.32 -25.25
CA ALA B 220 22.85 -17.38 -24.15
C ALA B 220 22.11 -16.07 -24.42
N LEU B 221 21.65 -15.45 -23.33
CA LEU B 221 20.94 -14.18 -23.40
C LEU B 221 21.95 -13.04 -23.38
N THR B 222 22.12 -12.40 -24.52
CA THR B 222 22.99 -11.25 -24.72
C THR B 222 22.17 -10.13 -25.36
N PRO B 223 22.74 -8.92 -25.45
CA PRO B 223 22.03 -7.87 -26.19
C PRO B 223 21.76 -8.22 -27.65
N GLU B 224 22.61 -9.01 -28.29
CA GLU B 224 22.37 -9.37 -29.68
C GLU B 224 21.24 -10.38 -29.81
N THR B 225 21.14 -11.32 -28.87
CA THR B 225 20.13 -12.37 -28.93
C THR B 225 18.87 -12.04 -28.15
N ARG B 226 18.78 -10.84 -27.58
CA ARG B 226 17.54 -10.43 -26.94
C ARG B 226 16.46 -10.27 -28.00
N HIS B 227 15.30 -10.88 -27.74
CA HIS B 227 14.20 -10.88 -28.70
C HIS B 227 14.66 -11.41 -30.06
N ILE B 228 15.56 -12.40 -30.04
CA ILE B 228 16.02 -13.01 -31.28
C ILE B 228 14.89 -13.74 -31.99
N ILE B 229 13.83 -14.09 -31.27
CA ILE B 229 12.61 -14.59 -31.86
C ILE B 229 11.62 -13.43 -31.81
N ASN B 230 11.54 -12.68 -32.91
CA ASN B 230 10.68 -11.53 -33.03
C ASN B 230 9.51 -11.85 -33.97
N ARG B 231 8.68 -10.84 -34.21
CA ARG B 231 7.54 -11.00 -35.11
C ARG B 231 7.95 -11.57 -36.46
N GLU B 232 9.09 -11.12 -36.99
CA GLU B 232 9.54 -11.57 -38.30
C GLU B 232 9.92 -13.05 -38.28
N VAL B 233 10.58 -13.50 -37.21
CA VAL B 233 10.93 -14.91 -37.08
C VAL B 233 9.69 -15.73 -36.76
N ILE B 234 8.75 -15.18 -36.00
CA ILE B 234 7.55 -15.91 -35.62
C ILE B 234 6.68 -16.18 -36.84
N ASN B 235 6.47 -15.17 -37.68
CA ASN B 235 5.67 -15.36 -38.88
C ASN B 235 6.34 -16.31 -39.86
N ALA B 236 7.68 -16.27 -39.94
CA ALA B 236 8.39 -17.20 -40.80
C ALA B 236 8.21 -18.65 -40.35
N LEU B 237 8.12 -18.86 -39.03
CA LEU B 237 7.86 -20.21 -38.52
C LEU B 237 6.49 -20.69 -38.98
N GLY B 238 5.45 -19.90 -38.73
CA GLY B 238 4.17 -20.13 -39.33
C GLY B 238 3.19 -20.88 -38.44
N PRO B 239 1.96 -21.04 -38.92
CA PRO B 239 0.94 -21.75 -38.13
C PRO B 239 1.17 -23.24 -38.03
N LYS B 240 2.12 -23.80 -38.77
CA LYS B 240 2.51 -25.19 -38.65
C LYS B 240 3.75 -25.38 -37.79
N GLY B 241 4.22 -24.31 -37.12
CA GLY B 241 5.43 -24.37 -36.34
C GLY B 241 5.24 -24.12 -34.85
N VAL B 242 6.25 -24.47 -34.06
CA VAL B 242 6.20 -24.34 -32.60
C VAL B 242 7.51 -23.75 -32.11
N VAL B 243 7.41 -22.80 -31.18
CA VAL B 243 8.58 -22.20 -30.53
C VAL B 243 8.83 -22.92 -29.22
N ILE B 244 10.07 -23.39 -29.02
CA ILE B 244 10.50 -24.05 -27.78
C ILE B 244 11.58 -23.19 -27.15
N ASN B 245 11.30 -22.62 -25.98
CA ASN B 245 12.24 -21.76 -25.28
C ASN B 245 12.60 -22.38 -23.94
N ILE B 246 13.84 -22.87 -23.83
CA ILE B 246 14.41 -23.30 -22.57
C ILE B 246 15.56 -22.38 -22.14
N GLY B 247 15.75 -21.26 -22.85
CA GLY B 247 16.80 -20.32 -22.52
C GLY B 247 16.34 -19.25 -21.56
N ARG B 248 16.13 -18.04 -22.07
CA ARG B 248 15.66 -16.92 -21.26
C ARG B 248 14.40 -16.34 -21.90
N GLY B 249 13.50 -15.84 -21.05
CA GLY B 249 12.26 -15.27 -21.54
C GLY B 249 12.46 -14.08 -22.45
N LEU B 250 13.56 -13.35 -22.27
CA LEU B 250 13.86 -12.19 -23.10
C LEU B 250 14.38 -12.57 -24.48
N HIS B 251 14.61 -13.87 -24.73
CA HIS B 251 14.93 -14.32 -26.08
C HIS B 251 13.75 -14.19 -27.02
N VAL B 252 12.54 -14.09 -26.49
CA VAL B 252 11.31 -14.09 -27.28
C VAL B 252 10.61 -12.75 -27.07
N ASP B 253 10.22 -12.11 -28.17
CA ASP B 253 9.36 -10.95 -28.06
C ASP B 253 8.00 -11.42 -27.55
N GLU B 254 7.84 -11.42 -26.23
CA GLU B 254 6.68 -12.09 -25.63
C GLU B 254 5.35 -11.50 -26.07
N PRO B 255 5.17 -10.17 -26.16
CA PRO B 255 3.89 -9.67 -26.67
C PRO B 255 3.62 -10.08 -28.11
N GLU B 256 4.68 -10.29 -28.91
CA GLU B 256 4.48 -10.77 -30.28
C GLU B 256 4.12 -12.25 -30.30
N LEU B 257 4.72 -13.04 -29.42
CA LEU B 257 4.39 -14.46 -29.36
C LEU B 257 2.95 -14.67 -28.93
N VAL B 258 2.49 -13.93 -27.93
CA VAL B 258 1.10 -14.05 -27.48
C VAL B 258 0.15 -13.63 -28.60
N SER B 259 0.43 -12.50 -29.25
CA SER B 259 -0.42 -12.02 -30.33
C SER B 259 -0.48 -13.03 -31.47
N ALA B 260 0.66 -13.62 -31.83
CA ALA B 260 0.69 -14.59 -32.92
C ALA B 260 -0.08 -15.86 -32.56
N LEU B 261 -0.05 -16.28 -31.29
CA LEU B 261 -0.81 -17.45 -30.88
C LEU B 261 -2.30 -17.16 -30.85
N VAL B 262 -2.70 -15.96 -30.42
CA VAL B 262 -4.11 -15.60 -30.41
C VAL B 262 -4.64 -15.50 -31.84
N GLU B 263 -3.85 -14.92 -32.74
CA GLU B 263 -4.30 -14.66 -34.10
C GLU B 263 -4.09 -15.84 -35.04
N GLY B 264 -3.48 -16.92 -34.56
CA GLY B 264 -3.31 -18.11 -35.38
C GLY B 264 -2.14 -18.05 -36.33
N ARG B 265 -1.25 -17.07 -36.20
CA ARG B 265 -0.06 -16.98 -37.03
C ARG B 265 1.05 -17.90 -36.56
N LEU B 266 0.95 -18.45 -35.34
CA LEU B 266 1.91 -19.39 -34.81
C LEU B 266 1.17 -20.62 -34.30
N GLY B 267 1.72 -21.80 -34.56
CA GLY B 267 1.01 -23.03 -34.25
C GLY B 267 0.96 -23.33 -32.77
N GLY B 268 2.10 -23.22 -32.09
CA GLY B 268 2.13 -23.55 -30.67
C GLY B 268 3.42 -23.07 -30.05
N ALA B 269 3.54 -23.32 -28.74
CA ALA B 269 4.71 -22.91 -27.99
C ALA B 269 4.89 -23.80 -26.77
N GLY B 270 6.12 -24.27 -26.57
CA GLY B 270 6.49 -24.93 -25.33
C GLY B 270 7.46 -24.06 -24.57
N LEU B 271 6.99 -23.45 -23.48
CA LEU B 271 7.72 -22.38 -22.81
C LEU B 271 8.08 -22.80 -21.39
N ASP B 272 9.39 -22.79 -21.10
CA ASP B 272 9.89 -22.95 -19.74
C ASP B 272 10.24 -21.62 -19.09
N VAL B 273 10.49 -20.58 -19.89
CA VAL B 273 10.93 -19.29 -19.38
C VAL B 273 10.02 -18.19 -19.92
N PHE B 274 9.97 -17.08 -19.19
CA PHE B 274 9.11 -15.96 -19.53
C PHE B 274 9.85 -14.66 -19.25
N GLU B 275 9.33 -13.58 -19.83
CA GLU B 275 9.99 -12.28 -19.75
C GLU B 275 10.06 -11.79 -18.31
N ASN B 276 8.94 -11.82 -17.59
CA ASN B 276 8.90 -11.31 -16.23
C ASN B 276 8.45 -12.39 -15.25
N GLU B 277 9.25 -13.45 -15.12
CA GLU B 277 8.92 -14.52 -14.19
C GLU B 277 8.78 -13.97 -12.78
N PRO B 278 7.86 -14.51 -11.96
CA PRO B 278 6.99 -15.65 -12.27
C PRO B 278 5.66 -15.26 -12.91
N ASN B 279 5.59 -14.11 -13.55
CA ASN B 279 4.36 -13.67 -14.20
C ASN B 279 4.25 -14.28 -15.58
N VAL B 280 3.09 -14.88 -15.88
CA VAL B 280 2.81 -15.50 -17.17
C VAL B 280 1.57 -14.82 -17.75
N PRO B 281 1.61 -14.39 -19.01
CA PRO B 281 0.43 -13.71 -19.59
C PRO B 281 -0.84 -14.53 -19.47
N GLU B 282 -1.93 -13.85 -19.08
CA GLU B 282 -3.21 -14.52 -18.88
C GLU B 282 -3.70 -15.22 -20.14
N GLU B 283 -3.42 -14.65 -21.32
CA GLU B 283 -3.93 -15.21 -22.56
C GLU B 283 -3.35 -16.60 -22.83
N LEU B 284 -2.07 -16.80 -22.51
CA LEU B 284 -1.46 -18.12 -22.71
C LEU B 284 -2.05 -19.16 -21.77
N LEU B 285 -2.56 -18.73 -20.61
CA LEU B 285 -3.04 -19.69 -19.61
C LEU B 285 -4.24 -20.47 -20.11
N ALA B 286 -5.03 -19.89 -21.03
CA ALA B 286 -6.25 -20.52 -21.50
C ALA B 286 -6.05 -21.30 -22.81
N MET B 287 -4.82 -21.39 -23.31
CA MET B 287 -4.56 -22.01 -24.59
C MET B 287 -4.16 -23.48 -24.42
N ASP B 288 -4.74 -24.33 -25.26
CA ASP B 288 -4.37 -25.74 -25.28
C ASP B 288 -3.16 -26.02 -26.15
N ASN B 289 -2.80 -25.08 -27.04
CA ASN B 289 -1.66 -25.25 -27.93
C ASN B 289 -0.36 -24.71 -27.34
N VAL B 290 -0.32 -24.50 -26.02
CA VAL B 290 0.90 -24.07 -25.34
C VAL B 290 1.14 -24.96 -24.13
N VAL B 291 2.42 -25.15 -23.80
CA VAL B 291 2.83 -25.83 -22.58
C VAL B 291 3.68 -24.86 -21.78
N LEU B 292 3.29 -24.61 -20.54
CA LEU B 292 3.89 -23.57 -19.71
C LEU B 292 4.43 -24.21 -18.43
N LEU B 293 5.73 -24.09 -18.20
CA LEU B 293 6.38 -24.65 -17.03
C LEU B 293 7.04 -23.54 -16.21
N PRO B 294 7.11 -23.69 -14.89
CA PRO B 294 7.65 -22.63 -14.02
C PRO B 294 9.16 -22.67 -13.90
N HIS B 295 9.85 -22.59 -15.04
CA HIS B 295 11.31 -22.57 -15.13
C HIS B 295 11.93 -23.75 -14.38
N VAL B 296 11.69 -24.93 -14.96
CA VAL B 296 12.08 -26.19 -14.35
C VAL B 296 13.24 -26.85 -15.11
N GLY B 297 13.94 -26.09 -15.95
CA GLY B 297 15.00 -26.64 -16.79
C GLY B 297 15.97 -27.56 -16.10
N SER B 298 16.64 -27.07 -15.05
CA SER B 298 17.59 -27.85 -14.28
C SER B 298 17.01 -28.38 -12.98
N GLY B 299 15.72 -28.16 -12.73
CA GLY B 299 15.14 -28.40 -11.42
C GLY B 299 14.84 -29.84 -11.06
N THR B 300 15.86 -30.69 -11.08
CA THR B 300 15.77 -32.05 -10.57
C THR B 300 16.62 -32.20 -9.32
N VAL B 301 16.27 -33.19 -8.50
CA VAL B 301 17.03 -33.49 -7.29
C VAL B 301 18.50 -33.73 -7.62
N GLU B 302 18.77 -34.48 -8.69
CA GLU B 302 20.14 -34.86 -9.01
C GLU B 302 20.97 -33.67 -9.47
N THR B 303 20.44 -32.89 -10.41
CA THR B 303 21.23 -31.81 -11.01
C THR B 303 21.50 -30.68 -10.01
N ARG B 304 20.47 -30.28 -9.26
CA ARG B 304 20.63 -29.17 -8.32
C ARG B 304 21.70 -29.47 -7.28
N LYS B 305 21.86 -30.73 -6.90
CA LYS B 305 22.93 -31.11 -5.99
C LYS B 305 24.29 -30.88 -6.62
N ASP B 306 24.44 -31.21 -7.91
CA ASP B 306 25.71 -30.98 -8.61
C ASP B 306 25.98 -29.49 -8.75
N MET B 307 24.94 -28.70 -9.01
CA MET B 307 25.10 -27.25 -9.10
C MET B 307 25.53 -26.67 -7.76
N ALA B 308 24.86 -27.10 -6.68
CA ALA B 308 25.21 -26.62 -5.35
C ALA B 308 26.63 -26.98 -4.96
N ASP B 309 27.02 -28.23 -5.21
CA ASP B 309 28.39 -28.66 -4.88
C ASP B 309 29.43 -27.95 -5.72
N LEU B 310 29.06 -27.53 -6.94
CA LEU B 310 29.99 -26.79 -7.79
C LEU B 310 30.14 -25.34 -7.32
N VAL B 311 29.04 -24.71 -6.92
CA VAL B 311 29.12 -23.36 -6.36
C VAL B 311 29.96 -23.36 -5.09
N LEU B 312 29.71 -24.32 -4.19
CA LEU B 312 30.50 -24.43 -2.98
C LEU B 312 31.96 -24.71 -3.28
N GLY B 313 32.23 -25.53 -4.29
CA GLY B 313 33.60 -25.87 -4.63
C GLY B 313 34.39 -24.70 -5.17
N ASN B 314 33.73 -23.77 -5.86
CA ASN B 314 34.43 -22.59 -6.38
C ASN B 314 34.72 -21.59 -5.27
N LEU B 315 33.75 -21.38 -4.36
CA LEU B 315 34.00 -20.53 -3.20
C LEU B 315 35.15 -21.08 -2.36
N GLU B 316 35.14 -22.39 -2.12
CA GLU B 316 36.19 -23.02 -1.33
C GLU B 316 37.55 -22.84 -1.99
N ALA B 317 37.65 -23.13 -3.29
CA ALA B 317 38.90 -22.98 -4.00
C ALA B 317 39.36 -21.52 -4.02
N HIS B 318 38.42 -20.59 -4.16
CA HIS B 318 38.77 -19.17 -4.23
C HIS B 318 39.43 -18.70 -2.94
N PHE B 319 38.77 -18.91 -1.80
CA PHE B 319 39.27 -18.41 -0.53
C PHE B 319 40.42 -19.26 0.02
N LEU B 320 40.75 -20.38 -0.62
CA LEU B 320 41.94 -21.15 -0.32
C LEU B 320 43.10 -20.83 -1.25
N ASN B 321 42.97 -19.79 -2.08
CA ASN B 321 43.98 -19.39 -3.04
C ASN B 321 44.29 -20.51 -4.04
N LYS B 322 43.29 -21.31 -4.36
CA LYS B 322 43.43 -22.33 -5.36
C LYS B 322 42.74 -21.91 -6.65
N PRO B 323 43.15 -22.47 -7.79
CA PRO B 323 42.48 -22.14 -9.05
C PRO B 323 41.02 -22.56 -9.00
N LEU B 324 40.14 -21.70 -9.51
CA LEU B 324 38.72 -21.96 -9.48
C LEU B 324 38.38 -23.17 -10.34
N LEU B 325 37.16 -23.69 -10.13
CA LEU B 325 36.72 -24.90 -10.82
C LEU B 325 36.10 -24.57 -12.17
N THR B 326 35.11 -23.67 -12.19
CA THR B 326 34.41 -23.30 -13.42
C THR B 326 34.41 -21.78 -13.57
N PRO B 327 35.59 -21.17 -13.75
CA PRO B 327 35.65 -19.71 -13.85
C PRO B 327 35.18 -19.22 -15.21
N VAL B 328 34.52 -18.07 -15.20
CA VAL B 328 34.15 -17.36 -16.41
C VAL B 328 34.96 -16.08 -16.59
N VAL B 329 35.17 -15.34 -15.50
CA VAL B 329 36.00 -14.15 -15.51
C VAL B 329 36.92 -14.15 -14.29
N GLU C 18 -8.37 -14.09 19.69
CA GLU C 18 -9.15 -13.66 20.85
C GLU C 18 -10.16 -12.59 20.46
N SER C 19 -10.73 -11.95 21.48
CA SER C 19 -11.83 -10.99 21.28
C SER C 19 -11.33 -9.75 20.56
N ILE C 20 -11.29 -9.86 19.23
CA ILE C 20 -11.05 -8.75 18.33
C ILE C 20 -12.41 -8.35 17.76
N GLY C 21 -12.61 -7.06 17.53
CA GLY C 21 -13.91 -6.56 17.14
C GLY C 21 -14.30 -6.97 15.73
N VAL C 22 -15.37 -7.74 15.59
CA VAL C 22 -15.88 -8.20 14.31
C VAL C 22 -17.35 -7.80 14.21
N LEU C 23 -17.71 -7.20 13.07
CA LEU C 23 -19.09 -6.76 12.82
C LEU C 23 -19.77 -7.77 11.89
N LEU C 24 -20.90 -8.31 12.35
CA LEU C 24 -21.73 -9.22 11.55
C LEU C 24 -22.92 -8.44 11.01
N THR C 25 -23.04 -8.36 9.69
CA THR C 25 -24.00 -7.44 9.09
C THR C 25 -25.44 -7.90 9.24
N CYS C 26 -25.68 -9.21 9.22
CA CYS C 26 -27.04 -9.73 9.33
C CYS C 26 -26.96 -11.19 9.75
N PRO C 27 -28.06 -11.75 10.29
CA PRO C 27 -28.03 -13.16 10.73
C PRO C 27 -27.88 -14.14 9.58
N MET C 28 -26.64 -14.36 9.14
CA MET C 28 -26.40 -15.20 7.96
C MET C 28 -26.62 -16.67 8.27
N ASN C 29 -26.10 -17.14 9.39
CA ASN C 29 -25.93 -18.56 9.64
C ASN C 29 -25.65 -18.78 11.13
N PRO C 30 -26.43 -19.63 11.79
CA PRO C 30 -26.28 -19.77 13.25
C PRO C 30 -24.90 -20.24 13.69
N TYR C 31 -24.30 -21.19 12.97
CA TYR C 31 -22.99 -21.70 13.37
C TYR C 31 -21.92 -20.63 13.20
N LEU C 32 -21.96 -19.90 12.09
CA LEU C 32 -21.04 -18.78 11.90
C LEU C 32 -21.24 -17.71 12.97
N GLU C 33 -22.50 -17.39 13.27
CA GLU C 33 -22.80 -16.36 14.27
C GLU C 33 -22.31 -16.78 15.66
N GLN C 34 -22.54 -18.03 16.04
CA GLN C 34 -22.09 -18.48 17.36
C GLN C 34 -20.58 -18.63 17.43
N GLU C 35 -19.95 -19.09 16.34
CA GLU C 35 -18.50 -19.22 16.33
C GLU C 35 -17.82 -17.86 16.37
N LEU C 36 -18.37 -16.88 15.63
CA LEU C 36 -17.82 -15.52 15.68
C LEU C 36 -17.94 -14.96 17.09
N ASP C 37 -19.03 -15.27 17.78
CA ASP C 37 -19.22 -14.83 19.16
C ASP C 37 -18.20 -15.46 20.10
N LYS C 38 -17.69 -16.64 19.77
CA LYS C 38 -16.82 -17.38 20.67
C LYS C 38 -15.35 -16.97 20.51
N ARG C 39 -14.89 -16.74 19.28
CA ARG C 39 -13.48 -16.47 19.05
C ARG C 39 -13.15 -14.99 19.08
N PHE C 40 -14.10 -14.12 18.76
CA PHE C 40 -13.83 -12.69 18.60
C PHE C 40 -14.76 -11.90 19.49
N LYS C 41 -14.61 -10.58 19.44
CA LYS C 41 -15.53 -9.65 20.09
C LYS C 41 -16.58 -9.29 19.05
N LEU C 42 -17.73 -9.97 19.09
CA LEU C 42 -18.71 -9.89 18.02
C LEU C 42 -19.65 -8.71 18.23
N PHE C 43 -19.83 -7.93 17.16
CA PHE C 43 -20.85 -6.89 17.10
C PHE C 43 -21.88 -7.30 16.06
N ARG C 44 -23.14 -7.43 16.50
CA ARG C 44 -24.23 -7.75 15.60
C ARG C 44 -24.85 -6.46 15.08
N PHE C 45 -24.77 -6.25 13.77
CA PHE C 45 -25.22 -4.99 13.17
C PHE C 45 -26.70 -4.72 13.48
N TRP C 46 -27.51 -5.77 13.63
CA TRP C 46 -28.93 -5.59 13.88
C TRP C 46 -29.26 -5.41 15.36
N ASP C 47 -28.26 -5.48 16.25
CA ASP C 47 -28.46 -5.15 17.65
C ASP C 47 -28.49 -3.64 17.90
N PHE C 48 -28.33 -2.84 16.85
CA PHE C 48 -28.29 -1.40 16.98
C PHE C 48 -29.48 -0.79 16.23
N PRO C 49 -30.25 0.11 16.86
CA PRO C 49 -31.42 0.69 16.18
C PRO C 49 -31.09 1.31 14.84
N SER C 50 -29.93 1.95 14.72
CA SER C 50 -29.48 2.49 13.45
C SER C 50 -28.01 2.15 13.25
N ALA C 51 -27.57 2.25 11.99
CA ALA C 51 -26.15 2.08 11.69
C ALA C 51 -25.32 3.16 12.37
N ASN C 52 -25.83 4.40 12.38
CA ASN C 52 -25.12 5.50 13.01
C ASN C 52 -25.03 5.33 14.52
N ASP C 53 -25.93 4.57 15.13
CA ASP C 53 -25.78 4.26 16.55
C ASP C 53 -24.56 3.39 16.77
N LEU C 54 -24.25 2.49 15.83
CA LEU C 54 -23.01 1.73 15.90
C LEU C 54 -21.80 2.60 15.54
N PHE C 55 -21.89 3.33 14.43
CA PHE C 55 -20.74 4.10 13.96
C PHE C 55 -20.30 5.14 14.98
N ARG C 56 -21.26 5.78 15.66
CA ARG C 56 -20.89 6.83 16.61
C ARG C 56 -20.33 6.25 17.90
N GLU C 57 -20.71 5.02 18.26
CA GLU C 57 -20.35 4.44 19.54
C GLU C 57 -19.20 3.44 19.45
N HIS C 58 -18.95 2.86 18.28
CA HIS C 58 -17.94 1.81 18.13
C HIS C 58 -17.17 1.95 16.83
N SER C 59 -16.93 3.20 16.38
CA SER C 59 -16.28 3.43 15.09
C SER C 59 -14.96 2.68 14.96
N ASN C 60 -14.17 2.66 16.03
CA ASN C 60 -12.85 2.03 16.01
C ASN C 60 -12.85 0.63 16.59
N SER C 61 -14.00 0.14 17.06
CA SER C 61 -14.04 -1.19 17.66
C SER C 61 -13.99 -2.30 16.62
N ILE C 62 -14.28 -2.02 15.36
CA ILE C 62 -14.44 -3.04 14.33
C ILE C 62 -13.17 -3.11 13.51
N ARG C 63 -12.51 -4.28 13.54
CA ARG C 63 -11.36 -4.55 12.70
C ARG C 63 -11.68 -5.48 11.53
N ALA C 64 -12.80 -6.19 11.58
CA ALA C 64 -13.23 -7.08 10.51
C ALA C 64 -14.73 -6.94 10.32
N VAL C 65 -15.17 -7.07 9.07
CA VAL C 65 -16.58 -7.07 8.72
C VAL C 65 -16.90 -8.39 8.03
N VAL C 66 -17.92 -9.07 8.51
CA VAL C 66 -18.43 -10.30 7.88
C VAL C 66 -19.79 -9.97 7.30
N GLY C 67 -19.87 -9.94 5.97
CA GLY C 67 -21.09 -9.62 5.27
C GLY C 67 -21.48 -10.72 4.31
N ASN C 68 -22.57 -10.47 3.58
CA ASN C 68 -23.07 -11.40 2.59
C ASN C 68 -23.65 -10.60 1.43
N SER C 69 -24.52 -11.25 0.64
CA SER C 69 -25.12 -10.58 -0.51
C SER C 69 -26.17 -9.55 -0.10
N PHE C 70 -26.58 -9.53 1.16
CA PHE C 70 -27.60 -8.59 1.63
C PHE C 70 -26.97 -7.29 2.10
N ILE C 71 -26.03 -7.36 3.04
CA ILE C 71 -25.27 -6.20 3.49
C ILE C 71 -23.78 -6.58 3.47
N GLY C 72 -22.99 -5.75 2.78
CA GLY C 72 -21.56 -5.98 2.69
C GLY C 72 -20.76 -4.91 3.39
N ALA C 73 -19.83 -4.29 2.67
CA ALA C 73 -19.02 -3.19 3.18
C ALA C 73 -19.01 -2.09 2.12
N ASP C 74 -19.95 -1.16 2.23
CA ASP C 74 -20.10 -0.08 1.27
C ASP C 74 -19.24 1.11 1.66
N ALA C 75 -19.30 2.17 0.83
CA ALA C 75 -18.49 3.36 1.06
C ALA C 75 -18.73 3.96 2.44
N GLN C 76 -19.99 4.00 2.88
CA GLN C 76 -20.29 4.59 4.17
C GLN C 76 -19.67 3.80 5.32
N MET C 77 -19.77 2.47 5.26
CA MET C 77 -19.25 1.64 6.35
C MET C 77 -17.72 1.65 6.38
N ILE C 78 -17.08 1.59 5.22
CA ILE C 78 -15.62 1.59 5.16
C ILE C 78 -15.07 2.83 5.86
N GLU C 79 -15.66 3.99 5.57
CA GLU C 79 -15.16 5.25 6.13
C GLU C 79 -15.57 5.43 7.59
N ALA C 80 -16.69 4.85 8.00
CA ALA C 80 -17.13 4.98 9.39
C ALA C 80 -16.37 4.06 10.35
N LEU C 81 -15.60 3.10 9.83
CA LEU C 81 -14.83 2.16 10.64
C LEU C 81 -13.38 2.25 10.20
N PRO C 82 -12.64 3.26 10.69
CA PRO C 82 -11.29 3.51 10.15
C PRO C 82 -10.27 2.43 10.48
N LYS C 83 -10.55 1.56 11.46
CA LYS C 83 -9.63 0.50 11.83
C LYS C 83 -9.91 -0.81 11.10
N MET C 84 -10.79 -0.79 10.10
CA MET C 84 -11.16 -1.99 9.38
C MET C 84 -9.95 -2.58 8.67
N GLU C 85 -9.73 -3.88 8.85
CA GLU C 85 -8.58 -4.57 8.26
C GLU C 85 -8.97 -5.57 7.18
N ILE C 86 -10.15 -6.17 7.26
CA ILE C 86 -10.51 -7.25 6.34
C ILE C 86 -12.03 -7.30 6.21
N VAL C 87 -12.49 -7.57 5.00
CA VAL C 87 -13.90 -7.90 4.74
C VAL C 87 -13.94 -9.35 4.27
N SER C 88 -14.56 -10.21 5.06
CA SER C 88 -14.72 -11.62 4.71
C SER C 88 -16.18 -11.86 4.39
N SER C 89 -16.47 -12.13 3.12
CA SER C 89 -17.85 -12.21 2.66
C SER C 89 -18.37 -13.64 2.72
N PHE C 90 -19.59 -13.77 3.23
CA PHE C 90 -20.32 -15.05 3.24
C PHE C 90 -21.05 -15.21 1.91
N SER C 91 -20.25 -15.22 0.83
CA SER C 91 -20.76 -15.06 -0.52
C SER C 91 -19.60 -15.25 -1.50
N VAL C 92 -19.94 -15.52 -2.75
CA VAL C 92 -18.97 -15.45 -3.84
C VAL C 92 -19.08 -14.09 -4.51
N GLY C 93 -20.27 -13.49 -4.46
CA GLY C 93 -20.49 -12.21 -5.10
C GLY C 93 -19.93 -11.07 -4.26
N LEU C 94 -19.43 -10.05 -4.95
CA LEU C 94 -18.76 -8.91 -4.31
C LEU C 94 -19.46 -7.59 -4.60
N ASP C 95 -20.69 -7.62 -5.12
CA ASP C 95 -21.36 -6.39 -5.51
C ASP C 95 -21.83 -5.58 -4.31
N LYS C 96 -21.62 -6.06 -3.09
CA LYS C 96 -21.93 -5.32 -1.88
C LYS C 96 -20.68 -4.82 -1.17
N ILE C 97 -19.50 -4.97 -1.81
CA ILE C 97 -18.22 -4.55 -1.25
C ILE C 97 -17.59 -3.59 -2.25
N ASP C 98 -17.18 -2.41 -1.75
CA ASP C 98 -16.44 -1.46 -2.57
C ASP C 98 -15.00 -1.94 -2.68
N LEU C 99 -14.74 -2.77 -3.68
CA LEU C 99 -13.44 -3.42 -3.80
C LEU C 99 -12.33 -2.39 -4.02
N VAL C 100 -12.59 -1.35 -4.81
CA VAL C 100 -11.54 -0.39 -5.13
C VAL C 100 -11.14 0.42 -3.90
N ARG C 101 -12.11 0.84 -3.09
CA ARG C 101 -11.76 1.59 -1.88
C ARG C 101 -11.05 0.70 -0.87
N CYS C 102 -11.38 -0.59 -0.81
CA CYS C 102 -10.71 -1.49 0.11
C CYS C 102 -9.22 -1.60 -0.21
N LYS C 103 -8.88 -1.76 -1.49
CA LYS C 103 -7.47 -1.83 -1.86
C LYS C 103 -6.76 -0.50 -1.63
N GLU C 104 -7.47 0.61 -1.81
CA GLU C 104 -6.85 1.91 -1.56
C GLU C 104 -6.44 2.07 -0.11
N LYS C 105 -7.26 1.57 0.83
CA LYS C 105 -7.02 1.73 2.25
C LYS C 105 -6.37 0.50 2.87
N GLY C 106 -5.82 -0.39 2.07
CA GLY C 106 -5.15 -1.57 2.61
C GLY C 106 -6.06 -2.50 3.37
N ILE C 107 -7.29 -2.68 2.91
CA ILE C 107 -8.26 -3.56 3.55
C ILE C 107 -8.36 -4.82 2.69
N ARG C 108 -8.11 -5.98 3.29
CA ARG C 108 -8.24 -7.23 2.58
C ARG C 108 -9.71 -7.58 2.39
N VAL C 109 -9.99 -8.34 1.32
CA VAL C 109 -11.32 -8.86 1.05
C VAL C 109 -11.21 -10.31 0.66
N THR C 110 -12.03 -11.16 1.27
CA THR C 110 -12.11 -12.57 0.93
C THR C 110 -13.57 -12.94 0.68
N ASN C 111 -13.77 -14.02 -0.05
CA ASN C 111 -15.11 -14.51 -0.36
C ASN C 111 -15.10 -16.03 -0.21
N THR C 112 -16.16 -16.67 -0.72
CA THR C 112 -16.32 -18.12 -0.65
C THR C 112 -16.49 -18.66 -2.07
N PRO C 113 -15.41 -18.76 -2.83
CA PRO C 113 -15.51 -19.31 -4.18
C PRO C 113 -15.56 -20.84 -4.17
N ASP C 114 -16.08 -21.38 -5.27
CA ASP C 114 -16.07 -22.81 -5.56
C ASP C 114 -16.97 -23.65 -4.66
N VAL C 115 -17.08 -23.29 -3.38
CA VAL C 115 -17.81 -24.12 -2.43
C VAL C 115 -19.31 -24.10 -2.62
N LEU C 116 -19.85 -23.15 -3.37
CA LEU C 116 -21.29 -23.09 -3.63
C LEU C 116 -21.63 -23.26 -5.11
N THR C 117 -20.63 -23.58 -5.96
CA THR C 117 -20.89 -23.72 -7.39
C THR C 117 -21.95 -24.78 -7.66
N GLU C 118 -21.80 -25.95 -7.03
CA GLU C 118 -22.69 -27.08 -7.32
C GLU C 118 -24.13 -26.77 -6.93
N ASP C 119 -24.34 -26.19 -5.75
CA ASP C 119 -25.70 -25.96 -5.28
C ASP C 119 -26.40 -24.88 -6.10
N VAL C 120 -25.68 -23.82 -6.47
CA VAL C 120 -26.25 -22.79 -7.32
C VAL C 120 -26.56 -23.37 -8.70
N ALA C 121 -25.65 -24.18 -9.24
CA ALA C 121 -25.89 -24.83 -10.52
C ALA C 121 -27.08 -25.78 -10.44
N ASP C 122 -27.21 -26.51 -9.33
CA ASP C 122 -28.35 -27.41 -9.16
C ASP C 122 -29.67 -26.65 -9.17
N LEU C 123 -29.68 -25.44 -8.59
CA LEU C 123 -30.92 -24.67 -8.52
C LEU C 123 -31.33 -24.11 -9.87
N ALA C 124 -30.36 -23.76 -10.72
CA ALA C 124 -30.68 -23.32 -12.07
C ALA C 124 -31.39 -24.41 -12.84
N LEU C 125 -30.87 -25.64 -12.77
CA LEU C 125 -31.52 -26.77 -13.41
C LEU C 125 -32.88 -27.03 -12.78
N ALA C 126 -33.00 -26.79 -11.48
CA ALA C 126 -34.27 -26.94 -10.80
C ALA C 126 -35.28 -25.90 -11.27
N LEU C 127 -34.84 -24.66 -11.46
CA LEU C 127 -35.75 -23.62 -11.95
C LEU C 127 -36.16 -23.88 -13.39
N ILE C 128 -35.24 -24.41 -14.21
CA ILE C 128 -35.58 -24.72 -15.60
C ILE C 128 -36.64 -25.81 -15.65
N LEU C 129 -36.44 -26.89 -14.90
CA LEU C 129 -37.39 -28.00 -14.93
C LEU C 129 -38.72 -27.61 -14.30
N ALA C 130 -38.69 -26.87 -13.19
CA ALA C 130 -39.94 -26.49 -12.53
C ALA C 130 -40.76 -25.51 -13.37
N THR C 131 -40.10 -24.66 -14.15
CA THR C 131 -40.83 -23.71 -14.98
C THR C 131 -41.37 -24.36 -16.25
N LEU C 132 -40.50 -25.02 -17.01
CA LEU C 132 -40.92 -25.64 -18.26
C LEU C 132 -41.99 -26.70 -18.01
N ARG C 133 -41.80 -27.52 -16.97
CA ARG C 133 -42.72 -28.61 -16.66
C ARG C 133 -43.78 -28.22 -15.64
N ARG C 134 -43.80 -26.97 -15.19
CA ARG C 134 -44.84 -26.46 -14.29
C ARG C 134 -44.99 -27.37 -13.07
N ILE C 135 -43.85 -27.67 -12.43
CA ILE C 135 -43.84 -28.65 -11.36
C ILE C 135 -44.59 -28.14 -10.14
N CYS C 136 -44.32 -26.89 -9.73
CA CYS C 136 -45.02 -26.32 -8.59
C CYS C 136 -46.49 -26.09 -8.90
N GLU C 137 -46.80 -25.74 -10.15
CA GLU C 137 -48.20 -25.66 -10.55
C GLU C 137 -48.83 -27.05 -10.54
N SER C 138 -48.09 -28.06 -10.97
CA SER C 138 -48.59 -29.43 -10.90
C SER C 138 -48.83 -29.85 -9.47
N ASP C 139 -47.93 -29.45 -8.56
CA ASP C 139 -48.09 -29.80 -7.15
C ASP C 139 -49.26 -29.05 -6.52
N ARG C 140 -49.36 -27.73 -6.78
CA ARG C 140 -50.51 -26.98 -6.31
C ARG C 140 -51.82 -27.54 -6.87
N TYR C 141 -51.76 -28.12 -8.08
CA TYR C 141 -52.94 -28.71 -8.69
C TYR C 141 -53.43 -29.90 -7.88
N VAL C 142 -52.51 -30.80 -7.50
CA VAL C 142 -52.90 -31.98 -6.73
C VAL C 142 -53.48 -31.57 -5.38
N ARG C 143 -52.76 -30.69 -4.67
CA ARG C 143 -53.17 -30.33 -3.32
C ARG C 143 -54.46 -29.52 -3.30
N SER C 144 -54.84 -28.91 -4.42
CA SER C 144 -56.13 -28.23 -4.50
C SER C 144 -57.28 -29.18 -4.78
N GLY C 145 -57.00 -30.45 -5.05
CA GLY C 145 -58.04 -31.42 -5.30
C GLY C 145 -58.57 -31.45 -6.71
N SER C 146 -57.95 -30.70 -7.63
CA SER C 146 -58.47 -30.57 -8.98
C SER C 146 -58.13 -31.75 -9.88
N TRP C 147 -57.27 -32.67 -9.43
CA TRP C 147 -57.00 -33.87 -10.21
C TRP C 147 -58.19 -34.81 -10.23
N LYS C 148 -59.09 -34.69 -9.24
CA LYS C 148 -60.34 -35.45 -9.29
C LYS C 148 -61.23 -35.00 -10.43
N LYS C 149 -61.03 -33.78 -10.93
CA LYS C 149 -61.84 -33.23 -12.01
C LYS C 149 -61.31 -33.58 -13.39
N GLY C 150 -59.99 -33.65 -13.56
CA GLY C 150 -59.42 -33.96 -14.86
C GLY C 150 -57.92 -33.94 -14.83
N ASP C 151 -57.32 -34.32 -15.96
CA ASP C 151 -55.88 -34.37 -16.10
C ASP C 151 -55.30 -32.95 -16.19
N PHE C 152 -54.05 -32.81 -15.78
CA PHE C 152 -53.35 -31.54 -15.85
C PHE C 152 -52.97 -31.21 -17.29
N LYS C 153 -52.90 -29.90 -17.58
CA LYS C 153 -52.52 -29.42 -18.89
C LYS C 153 -51.17 -29.98 -19.33
N LEU C 154 -50.96 -30.02 -20.64
CA LEU C 154 -49.68 -30.42 -21.19
C LEU C 154 -48.68 -29.29 -21.04
N THR C 155 -47.40 -29.66 -20.85
CA THR C 155 -46.36 -28.67 -20.62
C THR C 155 -45.30 -28.71 -21.71
N THR C 156 -44.08 -28.27 -21.40
CA THR C 156 -43.05 -28.05 -22.41
C THR C 156 -41.86 -28.96 -22.13
N LYS C 157 -41.44 -29.69 -23.15
CA LYS C 157 -40.32 -30.62 -23.01
C LYS C 157 -39.01 -29.85 -22.85
N PHE C 158 -38.19 -30.28 -21.88
CA PHE C 158 -36.90 -29.64 -21.64
C PHE C 158 -35.81 -30.22 -22.53
N THR C 159 -35.68 -31.55 -22.54
CA THR C 159 -34.64 -32.23 -23.32
C THR C 159 -34.57 -31.69 -24.75
N GLY C 160 -33.36 -31.34 -25.18
CA GLY C 160 -33.12 -30.90 -26.53
C GLY C 160 -33.25 -29.41 -26.77
N LYS C 161 -33.80 -28.66 -25.83
CA LYS C 161 -33.98 -27.23 -26.02
C LYS C 161 -32.67 -26.48 -25.84
N SER C 162 -32.55 -25.36 -26.55
CA SER C 162 -31.31 -24.59 -26.55
C SER C 162 -31.21 -23.76 -25.27
N VAL C 163 -30.09 -23.87 -24.57
CA VAL C 163 -29.86 -23.18 -23.31
C VAL C 163 -28.74 -22.15 -23.54
N GLY C 164 -29.06 -20.89 -23.27
CA GLY C 164 -28.09 -19.80 -23.37
C GLY C 164 -27.75 -19.26 -21.99
N ILE C 165 -26.45 -19.18 -21.72
CA ILE C 165 -25.94 -18.79 -20.41
C ILE C 165 -25.18 -17.48 -20.56
N ILE C 166 -25.56 -16.48 -19.76
CA ILE C 166 -24.85 -15.21 -19.72
C ILE C 166 -23.73 -15.37 -18.69
N GLY C 167 -22.51 -15.59 -19.19
CA GLY C 167 -21.37 -15.79 -18.31
C GLY C 167 -20.99 -17.24 -18.15
N LEU C 168 -19.86 -17.64 -18.72
CA LEU C 168 -19.39 -19.02 -18.65
C LEU C 168 -18.29 -19.18 -17.60
N GLY C 169 -18.56 -18.75 -16.37
CA GLY C 169 -17.65 -18.94 -15.27
C GLY C 169 -17.82 -20.30 -14.63
N ARG C 170 -17.45 -20.38 -13.34
CA ARG C 170 -17.60 -21.63 -12.61
C ARG C 170 -19.05 -22.08 -12.58
N ILE C 171 -19.96 -21.16 -12.25
CA ILE C 171 -21.38 -21.50 -12.18
C ILE C 171 -21.95 -21.72 -13.58
N GLY C 172 -21.57 -20.87 -14.53
CA GLY C 172 -22.05 -21.05 -15.90
C GLY C 172 -21.60 -22.36 -16.52
N SER C 173 -20.33 -22.73 -16.32
CA SER C 173 -19.85 -23.99 -16.85
C SER C 173 -20.49 -25.18 -16.14
N ALA C 174 -20.86 -25.01 -14.88
CA ALA C 174 -21.53 -26.09 -14.15
C ALA C 174 -22.98 -26.25 -14.61
N ILE C 175 -23.66 -25.14 -14.90
CA ILE C 175 -24.99 -25.22 -15.50
C ILE C 175 -24.93 -25.89 -16.85
N ALA C 176 -23.96 -25.50 -17.68
CA ALA C 176 -23.81 -26.08 -19.01
C ALA C 176 -23.51 -27.57 -18.93
N LYS C 177 -22.68 -27.99 -17.98
CA LYS C 177 -22.35 -29.41 -17.84
C LYS C 177 -23.59 -30.24 -17.53
N ARG C 178 -24.49 -29.71 -16.70
CA ARG C 178 -25.68 -30.47 -16.34
C ARG C 178 -26.69 -30.50 -17.48
N ALA C 179 -26.81 -29.41 -18.23
CA ALA C 179 -27.73 -29.38 -19.36
C ALA C 179 -27.28 -30.33 -20.46
N GLU C 180 -25.97 -30.62 -20.56
CA GLU C 180 -25.48 -31.56 -21.55
C GLU C 180 -26.08 -32.94 -21.36
N GLY C 181 -26.33 -33.33 -20.11
CA GLY C 181 -27.00 -34.60 -19.85
C GLY C 181 -28.42 -34.66 -20.36
N PHE C 182 -29.06 -33.50 -20.52
CA PHE C 182 -30.37 -33.42 -21.14
C PHE C 182 -30.27 -33.16 -22.64
N SER C 183 -29.08 -33.32 -23.22
CA SER C 183 -28.87 -33.14 -24.65
C SER C 183 -29.25 -31.74 -25.11
N CYS C 184 -29.03 -30.75 -24.26
CA CYS C 184 -29.39 -29.38 -24.59
C CYS C 184 -28.26 -28.73 -25.38
N PRO C 185 -28.53 -28.09 -26.51
CA PRO C 185 -27.50 -27.26 -27.15
C PRO C 185 -27.17 -26.07 -26.28
N ILE C 186 -25.87 -25.83 -26.07
CA ILE C 186 -25.38 -24.81 -25.16
C ILE C 186 -24.76 -23.69 -25.97
N SER C 187 -25.19 -22.47 -25.69
CA SER C 187 -24.54 -21.26 -26.19
C SER C 187 -24.30 -20.34 -25.01
N TYR C 188 -23.34 -19.42 -25.17
CA TYR C 188 -23.02 -18.53 -24.07
C TYR C 188 -22.53 -17.18 -24.60
N HIS C 189 -22.53 -16.20 -23.70
CA HIS C 189 -22.01 -14.87 -23.97
C HIS C 189 -21.32 -14.38 -22.70
N SER C 190 -20.24 -13.61 -22.87
CA SER C 190 -19.64 -12.79 -21.82
C SER C 190 -18.27 -12.26 -22.20
N ARG C 191 -18.09 -10.94 -22.09
CA ARG C 191 -16.76 -10.35 -22.25
C ARG C 191 -16.13 -10.67 -23.59
N THR C 192 -15.14 -11.56 -23.53
CA THR C 192 -14.44 -12.08 -24.70
C THR C 192 -14.71 -13.57 -24.81
N GLU C 193 -14.59 -14.09 -26.04
CA GLU C 193 -14.80 -15.52 -26.26
C GLU C 193 -13.81 -16.33 -25.44
N LYS C 194 -14.33 -17.30 -24.70
CA LYS C 194 -13.48 -18.16 -23.90
C LYS C 194 -12.85 -19.24 -24.79
N PRO C 195 -11.54 -19.44 -24.71
CA PRO C 195 -10.89 -20.44 -25.56
C PRO C 195 -11.13 -21.85 -25.04
N GLY C 196 -11.17 -22.79 -25.98
CA GLY C 196 -11.30 -24.19 -25.64
C GLY C 196 -12.71 -24.65 -25.31
N THR C 197 -13.73 -23.91 -25.74
CA THR C 197 -15.11 -24.29 -25.51
C THR C 197 -15.74 -24.74 -26.83
N ASN C 198 -16.63 -25.72 -26.73
CA ASN C 198 -17.39 -26.17 -27.89
C ASN C 198 -18.78 -25.56 -27.93
N TYR C 199 -19.16 -24.79 -26.92
CA TYR C 199 -20.43 -24.07 -26.97
C TYR C 199 -20.31 -22.90 -27.94
N LYS C 200 -21.44 -22.42 -28.43
CA LYS C 200 -21.45 -21.34 -29.41
C LYS C 200 -21.44 -19.99 -28.70
N TYR C 201 -20.43 -19.18 -29.01
CA TYR C 201 -20.30 -17.86 -28.41
C TYR C 201 -21.08 -16.83 -29.20
N TYR C 202 -21.75 -15.92 -28.49
CA TYR C 202 -22.51 -14.83 -29.10
C TYR C 202 -22.00 -13.49 -28.58
N PRO C 203 -21.56 -12.58 -29.44
CA PRO C 203 -21.02 -11.30 -28.96
C PRO C 203 -22.04 -10.37 -28.31
N SER C 204 -23.34 -10.63 -28.45
CA SER C 204 -24.36 -9.81 -27.80
C SER C 204 -25.38 -10.70 -27.10
N VAL C 205 -25.98 -10.15 -26.04
CA VAL C 205 -27.00 -10.89 -25.31
C VAL C 205 -28.31 -10.95 -26.10
N VAL C 206 -28.61 -9.91 -26.88
CA VAL C 206 -29.82 -9.92 -27.70
C VAL C 206 -29.74 -11.03 -28.72
N GLU C 207 -28.54 -11.30 -29.23
CA GLU C 207 -28.33 -12.41 -30.16
C GLU C 207 -28.34 -13.76 -29.46
N LEU C 208 -27.83 -13.82 -28.23
CA LEU C 208 -27.94 -15.05 -27.45
C LEU C 208 -29.38 -15.40 -27.14
N ALA C 209 -30.18 -14.41 -26.73
CA ALA C 209 -31.56 -14.66 -26.34
C ALA C 209 -32.41 -15.09 -27.53
N SER C 210 -32.19 -14.49 -28.70
CA SER C 210 -33.00 -14.81 -29.87
C SER C 210 -32.77 -16.24 -30.36
N ASN C 211 -31.60 -16.80 -30.11
CA ASN C 211 -31.25 -18.12 -30.60
C ASN C 211 -31.25 -19.18 -29.50
N CYS C 212 -31.96 -18.93 -28.40
CA CYS C 212 -32.06 -19.89 -27.32
C CYS C 212 -33.45 -19.77 -26.71
N GLN C 213 -33.89 -20.84 -26.06
CA GLN C 213 -35.20 -20.85 -25.43
C GLN C 213 -35.16 -20.72 -23.91
N ILE C 214 -34.01 -20.98 -23.29
CA ILE C 214 -33.83 -20.81 -21.85
C ILE C 214 -32.62 -19.91 -21.66
N LEU C 215 -32.84 -18.73 -21.08
CA LEU C 215 -31.79 -17.74 -20.89
C LEU C 215 -31.40 -17.72 -19.43
N VAL C 216 -30.17 -18.13 -19.14
CA VAL C 216 -29.68 -18.33 -17.77
C VAL C 216 -28.69 -17.22 -17.46
N VAL C 217 -28.97 -16.46 -16.41
CA VAL C 217 -28.05 -15.45 -15.90
C VAL C 217 -27.11 -16.13 -14.91
N ALA C 218 -25.81 -16.08 -15.20
CA ALA C 218 -24.80 -16.73 -14.36
C ALA C 218 -23.55 -15.87 -14.28
N CYS C 219 -23.73 -14.55 -14.24
CA CYS C 219 -22.65 -13.59 -14.27
C CYS C 219 -22.60 -12.79 -12.96
N ALA C 220 -21.49 -12.09 -12.76
CA ALA C 220 -21.34 -11.18 -11.64
C ALA C 220 -22.10 -9.88 -11.88
N LEU C 221 -22.57 -9.27 -10.79
CA LEU C 221 -23.27 -8.00 -10.85
C LEU C 221 -22.25 -6.86 -10.82
N THR C 222 -22.08 -6.21 -11.96
CA THR C 222 -21.20 -5.05 -12.11
C THR C 222 -22.02 -3.92 -12.73
N PRO C 223 -21.46 -2.71 -12.81
CA PRO C 223 -22.17 -1.65 -13.54
C PRO C 223 -22.43 -2.00 -14.99
N GLU C 224 -21.56 -2.79 -15.61
CA GLU C 224 -21.77 -3.17 -17.00
C GLU C 224 -22.90 -4.18 -17.15
N THR C 225 -23.01 -5.12 -16.22
CA THR C 225 -23.99 -6.20 -16.32
C THR C 225 -25.28 -5.91 -15.56
N ARG C 226 -25.40 -4.72 -14.97
CA ARG C 226 -26.66 -4.33 -14.34
C ARG C 226 -27.73 -4.16 -15.41
N HIS C 227 -28.90 -4.75 -15.17
CA HIS C 227 -30.00 -4.75 -16.14
C HIS C 227 -29.55 -5.30 -17.49
N ILE C 228 -28.67 -6.30 -17.47
CA ILE C 228 -28.21 -6.92 -18.70
C ILE C 228 -29.35 -7.63 -19.43
N ILE C 229 -30.42 -7.97 -18.72
CA ILE C 229 -31.64 -8.44 -19.33
C ILE C 229 -32.63 -7.27 -19.29
N ASN C 230 -32.69 -6.53 -20.38
CA ASN C 230 -33.56 -5.37 -20.52
C ASN C 230 -34.72 -5.71 -21.44
N ARG C 231 -35.56 -4.70 -21.71
CA ARG C 231 -36.71 -4.90 -22.59
C ARG C 231 -36.30 -5.49 -23.93
N GLU C 232 -35.20 -5.01 -24.51
CA GLU C 232 -34.78 -5.51 -25.81
C GLU C 232 -34.34 -6.97 -25.74
N VAL C 233 -33.64 -7.35 -24.67
CA VAL C 233 -33.24 -8.73 -24.50
C VAL C 233 -34.46 -9.59 -24.17
N ILE C 234 -35.43 -9.04 -23.44
CA ILE C 234 -36.63 -9.80 -23.10
C ILE C 234 -37.48 -10.03 -24.34
N ASN C 235 -37.66 -8.99 -25.16
CA ASN C 235 -38.45 -9.13 -26.38
C ASN C 235 -37.77 -10.07 -27.38
N ALA C 236 -36.44 -10.05 -27.44
CA ALA C 236 -35.73 -10.96 -28.33
C ALA C 236 -35.92 -12.41 -27.92
N LEU C 237 -36.00 -12.68 -26.61
CA LEU C 237 -36.25 -14.04 -26.15
C LEU C 237 -37.60 -14.54 -26.62
N GLY C 238 -38.67 -13.78 -26.35
CA GLY C 238 -39.95 -14.04 -26.95
C GLY C 238 -40.90 -14.82 -26.05
N PRO C 239 -42.14 -14.98 -26.52
CA PRO C 239 -43.15 -15.69 -25.71
C PRO C 239 -42.94 -17.19 -25.62
N LYS C 240 -42.02 -17.76 -26.39
CA LYS C 240 -41.67 -19.17 -26.26
C LYS C 240 -40.43 -19.39 -25.42
N GLY C 241 -39.92 -18.35 -24.77
CA GLY C 241 -38.68 -18.45 -24.01
C GLY C 241 -38.87 -18.20 -22.53
N VAL C 242 -37.87 -18.57 -21.73
CA VAL C 242 -37.94 -18.45 -20.27
C VAL C 242 -36.64 -17.87 -19.76
N VAL C 243 -36.73 -16.94 -18.81
CA VAL C 243 -35.58 -16.34 -18.15
C VAL C 243 -35.35 -17.08 -16.84
N ILE C 244 -34.12 -17.54 -16.62
CA ILE C 244 -33.71 -18.17 -15.38
C ILE C 244 -32.67 -17.29 -14.71
N ASN C 245 -33.01 -16.74 -13.55
CA ASN C 245 -32.12 -15.83 -12.83
C ASN C 245 -31.73 -16.44 -11.49
N ILE C 246 -30.48 -16.87 -11.38
CA ILE C 246 -29.89 -17.27 -10.11
C ILE C 246 -28.76 -16.33 -9.71
N GLY C 247 -28.58 -15.23 -10.42
CA GLY C 247 -27.52 -14.28 -10.13
C GLY C 247 -27.92 -13.22 -9.14
N ARG C 248 -28.12 -11.99 -9.62
CA ARG C 248 -28.56 -10.89 -8.79
C ARG C 248 -29.83 -10.28 -9.38
N GLY C 249 -30.69 -9.77 -8.50
CA GLY C 249 -31.94 -9.18 -8.95
C GLY C 249 -31.75 -7.99 -9.86
N LEU C 250 -30.65 -7.27 -9.70
CA LEU C 250 -30.35 -6.11 -10.53
C LEU C 250 -29.83 -6.49 -11.92
N HIS C 251 -29.61 -7.78 -12.18
CA HIS C 251 -29.29 -8.21 -13.54
C HIS C 251 -30.47 -8.06 -14.48
N VAL C 252 -31.68 -7.98 -13.96
CA VAL C 252 -32.90 -7.95 -14.76
C VAL C 252 -33.64 -6.65 -14.47
N ASP C 253 -34.04 -5.95 -15.52
CA ASP C 253 -34.95 -4.81 -15.36
C ASP C 253 -36.30 -5.34 -14.90
N GLU C 254 -36.50 -5.37 -13.59
CA GLU C 254 -37.64 -6.10 -13.03
C GLU C 254 -38.99 -5.57 -13.49
N PRO C 255 -39.25 -4.26 -13.57
CA PRO C 255 -40.55 -3.83 -14.09
C PRO C 255 -40.80 -4.23 -15.54
N GLU C 256 -39.74 -4.35 -16.35
CA GLU C 256 -39.92 -4.80 -17.72
C GLU C 256 -40.17 -6.31 -17.79
N LEU C 257 -39.54 -7.09 -16.92
CA LEU C 257 -39.78 -8.52 -16.91
C LEU C 257 -41.22 -8.83 -16.52
N VAL C 258 -41.73 -8.15 -15.50
CA VAL C 258 -43.12 -8.35 -15.09
C VAL C 258 -44.06 -7.89 -16.19
N SER C 259 -43.78 -6.73 -16.80
CA SER C 259 -44.61 -6.22 -17.88
C SER C 259 -44.68 -7.21 -19.04
N ALA C 260 -43.54 -7.78 -19.43
CA ALA C 260 -43.55 -8.75 -20.52
C ALA C 260 -44.26 -10.03 -20.14
N LEU C 261 -44.16 -10.44 -18.87
CA LEU C 261 -44.87 -11.64 -18.43
C LEU C 261 -46.37 -11.40 -18.33
N VAL C 262 -46.78 -10.21 -17.90
CA VAL C 262 -48.21 -9.88 -17.85
C VAL C 262 -48.79 -9.79 -19.25
N GLU C 263 -48.06 -9.17 -20.18
CA GLU C 263 -48.56 -8.93 -21.53
C GLU C 263 -48.29 -10.09 -22.48
N GLY C 264 -47.63 -11.15 -22.02
CA GLY C 264 -47.40 -12.31 -22.84
C GLY C 264 -46.24 -12.21 -23.81
N ARG C 265 -45.38 -11.21 -23.67
CA ARG C 265 -44.20 -11.10 -24.52
C ARG C 265 -43.07 -12.01 -24.07
N LEU C 266 -43.15 -12.57 -22.86
CA LEU C 266 -42.18 -13.52 -22.35
C LEU C 266 -42.93 -14.75 -21.84
N GLY C 267 -42.39 -15.93 -22.13
CA GLY C 267 -43.09 -17.16 -21.81
C GLY C 267 -43.16 -17.44 -20.32
N GLY C 268 -42.03 -17.33 -19.64
CA GLY C 268 -41.99 -17.65 -18.23
C GLY C 268 -40.71 -17.15 -17.60
N ALA C 269 -40.59 -17.40 -16.30
CA ALA C 269 -39.42 -16.96 -15.55
C ALA C 269 -39.22 -17.85 -14.32
N GLY C 270 -37.97 -18.29 -14.13
CA GLY C 270 -37.57 -18.96 -12.91
C GLY C 270 -36.60 -18.08 -12.14
N LEU C 271 -37.06 -17.49 -11.04
CA LEU C 271 -36.32 -16.42 -10.37
C LEU C 271 -35.94 -16.84 -8.96
N ASP C 272 -34.64 -16.80 -8.68
CA ASP C 272 -34.14 -16.96 -7.32
C ASP C 272 -33.82 -15.64 -6.65
N VAL C 273 -33.62 -14.57 -7.42
CA VAL C 273 -33.22 -13.28 -6.90
C VAL C 273 -34.16 -12.20 -7.41
N PHE C 274 -34.23 -11.11 -6.65
CA PHE C 274 -35.12 -9.99 -6.96
C PHE C 274 -34.39 -8.69 -6.64
N GLU C 275 -34.92 -7.59 -7.17
CA GLU C 275 -34.27 -6.29 -7.00
C GLU C 275 -34.23 -5.88 -5.54
N ASN C 276 -35.36 -5.99 -4.85
CA ASN C 276 -35.44 -5.58 -3.45
C ASN C 276 -35.86 -6.75 -2.56
N GLU C 277 -35.03 -7.80 -2.51
CA GLU C 277 -35.35 -8.93 -1.66
C GLU C 277 -35.50 -8.48 -0.21
N PRO C 278 -36.43 -9.07 0.56
CA PRO C 278 -37.29 -10.19 0.18
C PRO C 278 -38.62 -9.78 -0.46
N ASN C 279 -38.69 -8.60 -1.05
CA ASN C 279 -39.93 -8.14 -1.68
C ASN C 279 -40.04 -8.73 -3.08
N VAL C 280 -41.20 -9.29 -3.39
CA VAL C 280 -41.48 -9.89 -4.69
C VAL C 280 -42.70 -9.17 -5.27
N PRO C 281 -42.64 -8.70 -6.51
CA PRO C 281 -43.80 -8.01 -7.10
C PRO C 281 -45.06 -8.85 -7.00
N GLU C 282 -46.14 -8.21 -6.56
CA GLU C 282 -47.42 -8.89 -6.37
C GLU C 282 -47.93 -9.53 -7.66
N GLU C 283 -47.63 -8.93 -8.81
CA GLU C 283 -48.14 -9.45 -10.07
C GLU C 283 -47.59 -10.84 -10.37
N LEU C 284 -46.33 -11.08 -9.98
CA LEU C 284 -45.74 -12.40 -10.19
C LEU C 284 -46.40 -13.47 -9.33
N LEU C 285 -46.99 -13.08 -8.19
CA LEU C 285 -47.52 -14.06 -7.25
C LEU C 285 -48.67 -14.87 -7.83
N ALA C 286 -49.42 -14.30 -8.78
CA ALA C 286 -50.60 -14.96 -9.32
C ALA C 286 -50.33 -15.73 -10.61
N MET C 287 -49.08 -15.78 -11.07
CA MET C 287 -48.77 -16.42 -12.34
C MET C 287 -48.35 -17.86 -12.13
N ASP C 288 -48.89 -18.75 -12.96
CA ASP C 288 -48.49 -20.16 -12.93
C ASP C 288 -47.26 -20.42 -13.78
N ASN C 289 -46.92 -19.51 -14.69
CA ASN C 289 -45.76 -19.65 -15.56
C ASN C 289 -44.50 -19.04 -14.94
N VAL C 290 -44.50 -18.80 -13.63
CA VAL C 290 -43.31 -18.32 -12.94
C VAL C 290 -43.05 -19.22 -11.73
N VAL C 291 -41.78 -19.39 -11.41
CA VAL C 291 -41.34 -20.09 -10.20
C VAL C 291 -40.50 -19.11 -9.39
N LEU C 292 -40.88 -18.92 -8.13
CA LEU C 292 -40.28 -17.88 -7.29
C LEU C 292 -39.71 -18.54 -6.04
N LEU C 293 -38.40 -18.37 -5.84
CA LEU C 293 -37.71 -18.93 -4.69
C LEU C 293 -37.08 -17.82 -3.85
N PRO C 294 -36.99 -17.99 -2.54
CA PRO C 294 -36.47 -16.93 -1.66
C PRO C 294 -34.94 -16.95 -1.54
N HIS C 295 -34.26 -16.84 -2.67
CA HIS C 295 -32.80 -16.78 -2.75
C HIS C 295 -32.16 -17.98 -2.02
N VAL C 296 -32.41 -19.15 -2.59
CA VAL C 296 -32.00 -20.42 -1.99
C VAL C 296 -30.86 -21.07 -2.76
N GLY C 297 -30.19 -20.31 -3.63
CA GLY C 297 -29.11 -20.87 -4.44
C GLY C 297 -28.11 -21.69 -3.64
N SER C 298 -27.54 -21.09 -2.60
CA SER C 298 -26.54 -21.75 -1.77
C SER C 298 -27.11 -22.33 -0.49
N GLY C 299 -28.42 -22.27 -0.30
CA GLY C 299 -29.02 -22.60 0.99
C GLY C 299 -29.20 -24.08 1.29
N THR C 300 -28.11 -24.84 1.27
CA THR C 300 -28.13 -26.22 1.71
C THR C 300 -27.28 -26.38 2.97
N VAL C 301 -27.59 -27.43 3.74
CA VAL C 301 -26.82 -27.76 4.93
C VAL C 301 -25.35 -27.92 4.59
N GLU C 302 -25.06 -28.62 3.50
CA GLU C 302 -23.67 -28.93 3.15
C GLU C 302 -22.90 -27.68 2.72
N THR C 303 -23.49 -26.89 1.82
CA THR C 303 -22.76 -25.74 1.26
C THR C 303 -22.57 -24.64 2.30
N ARG C 304 -23.63 -24.31 3.04
CA ARG C 304 -23.55 -23.22 4.01
C ARG C 304 -22.51 -23.48 5.09
N LYS C 305 -22.34 -24.75 5.49
CA LYS C 305 -21.28 -25.09 6.43
C LYS C 305 -19.90 -24.85 5.82
N ASP C 306 -19.74 -25.18 4.54
CA ASP C 306 -18.47 -24.95 3.87
C ASP C 306 -18.17 -23.45 3.76
N MET C 307 -19.21 -22.66 3.49
CA MET C 307 -19.03 -21.20 3.43
C MET C 307 -18.65 -20.63 4.79
N ALA C 308 -19.34 -21.07 5.85
CA ALA C 308 -19.07 -20.54 7.19
C ALA C 308 -17.64 -20.86 7.63
N ASP C 309 -17.21 -22.11 7.46
CA ASP C 309 -15.85 -22.48 7.85
C ASP C 309 -14.81 -21.80 6.97
N LEU C 310 -15.16 -21.42 5.74
CA LEU C 310 -14.23 -20.72 4.88
C LEU C 310 -14.07 -19.26 5.33
N VAL C 311 -15.17 -18.62 5.71
CA VAL C 311 -15.09 -17.27 6.27
C VAL C 311 -14.28 -17.28 7.56
N LEU C 312 -14.56 -18.26 8.44
CA LEU C 312 -13.81 -18.37 9.69
C LEU C 312 -12.34 -18.67 9.41
N GLY C 313 -12.05 -19.48 8.40
CA GLY C 313 -10.67 -19.80 8.07
C GLY C 313 -9.89 -18.61 7.56
N ASN C 314 -10.57 -17.68 6.87
CA ASN C 314 -9.90 -16.49 6.36
C ASN C 314 -9.65 -15.48 7.48
N LEU C 315 -10.61 -15.30 8.37
CA LEU C 315 -10.42 -14.42 9.52
C LEU C 315 -9.27 -14.91 10.40
N GLU C 316 -9.25 -16.22 10.70
CA GLU C 316 -8.19 -16.78 11.53
C GLU C 316 -6.82 -16.58 10.88
N ALA C 317 -6.72 -16.89 9.59
CA ALA C 317 -5.44 -16.70 8.89
C ALA C 317 -5.00 -15.24 8.90
N HIS C 318 -5.95 -14.32 8.78
CA HIS C 318 -5.62 -12.89 8.75
C HIS C 318 -5.02 -12.45 10.09
N PHE C 319 -5.74 -12.68 11.18
CA PHE C 319 -5.29 -12.20 12.48
C PHE C 319 -4.17 -13.05 13.07
N LEU C 320 -3.83 -14.17 12.44
CA LEU C 320 -2.60 -14.88 12.75
C LEU C 320 -1.50 -14.52 11.77
N ASN C 321 -1.76 -13.55 10.89
CA ASN C 321 -0.79 -13.07 9.91
C ASN C 321 -0.28 -14.19 9.01
N LYS C 322 -1.16 -15.11 8.69
CA LYS C 322 -0.89 -16.18 7.75
C LYS C 322 -1.52 -15.85 6.40
N PRO C 323 -1.05 -16.45 5.31
CA PRO C 323 -1.65 -16.14 4.01
C PRO C 323 -3.13 -16.52 3.98
N LEU C 324 -3.94 -15.62 3.42
CA LEU C 324 -5.37 -15.83 3.38
C LEU C 324 -5.71 -17.04 2.51
N LEU C 325 -6.93 -17.53 2.66
CA LEU C 325 -7.37 -18.73 1.94
C LEU C 325 -7.94 -18.38 0.57
N THR C 326 -8.93 -17.48 0.53
CA THR C 326 -9.61 -17.10 -0.70
C THR C 326 -9.63 -15.57 -0.85
N PRO C 327 -8.47 -14.95 -1.00
CA PRO C 327 -8.42 -13.48 -1.09
C PRO C 327 -8.86 -12.97 -2.45
N VAL C 328 -9.49 -11.80 -2.43
CA VAL C 328 -9.82 -11.05 -3.65
C VAL C 328 -8.98 -9.78 -3.77
N VAL C 329 -8.85 -9.03 -2.68
CA VAL C 329 -7.98 -7.85 -2.66
C VAL C 329 -7.16 -7.82 -1.38
N GLU D 18 28.19 28.53 48.22
CA GLU D 18 29.64 28.60 48.14
C GLU D 18 30.22 27.29 47.61
N SER D 19 31.54 27.14 47.73
CA SER D 19 32.23 25.97 47.20
C SER D 19 31.83 24.74 48.01
N ILE D 20 30.65 24.21 47.68
CA ILE D 20 30.16 22.95 48.21
C ILE D 20 30.32 21.90 47.13
N GLY D 21 30.66 20.66 47.53
CA GLY D 21 30.90 19.62 46.55
C GLY D 21 29.61 19.17 45.91
N VAL D 22 29.47 19.39 44.60
CA VAL D 22 28.31 18.97 43.84
C VAL D 22 28.79 18.15 42.64
N LEU D 23 28.16 17.00 42.43
CA LEU D 23 28.52 16.10 41.34
C LEU D 23 27.55 16.25 40.17
N LEU D 24 28.09 16.53 38.99
CA LEU D 24 27.33 16.59 37.75
C LEU D 24 27.55 15.29 36.99
N THR D 25 26.47 14.54 36.75
CA THR D 25 26.62 13.16 36.29
C THR D 25 27.05 13.07 34.83
N CYS D 26 26.64 14.03 33.99
CA CYS D 26 26.99 13.98 32.57
C CYS D 26 26.85 15.38 31.99
N PRO D 27 27.47 15.65 30.83
CA PRO D 27 27.37 16.99 30.24
C PRO D 27 25.94 17.33 29.83
N MET D 28 25.15 17.77 30.82
CA MET D 28 23.73 18.00 30.61
C MET D 28 23.48 19.26 29.78
N ASN D 29 24.17 20.33 30.10
CA ASN D 29 23.80 21.66 29.65
C ASN D 29 24.98 22.60 29.90
N PRO D 30 25.48 23.29 28.87
CA PRO D 30 26.68 24.12 29.08
C PRO D 30 26.48 25.22 30.11
N TYR D 31 25.31 25.86 30.13
CA TYR D 31 25.05 26.92 31.09
C TYR D 31 24.96 26.38 32.50
N LEU D 32 24.27 25.25 32.69
CA LEU D 32 24.19 24.63 34.00
C LEU D 32 25.57 24.24 34.50
N GLU D 33 26.38 23.63 33.64
CA GLU D 33 27.73 23.25 34.04
C GLU D 33 28.57 24.47 34.36
N GLN D 34 28.41 25.56 33.60
CA GLN D 34 29.19 26.76 33.84
C GLN D 34 28.80 27.43 35.15
N GLU D 35 27.50 27.46 35.46
CA GLU D 35 27.07 28.03 36.74
C GLU D 35 27.47 27.16 37.92
N LEU D 36 27.35 25.84 37.79
CA LEU D 36 27.78 24.95 38.87
C LEU D 36 29.27 25.09 39.14
N ASP D 37 30.05 25.23 38.06
CA ASP D 37 31.49 25.43 38.21
C ASP D 37 31.82 26.76 38.89
N LYS D 38 30.94 27.75 38.73
CA LYS D 38 31.18 29.09 39.24
C LYS D 38 30.70 29.24 40.69
N ARG D 39 29.57 28.63 41.03
CA ARG D 39 28.99 28.80 42.37
C ARG D 39 29.44 27.75 43.37
N PHE D 40 29.79 26.56 42.91
CA PHE D 40 30.05 25.42 43.79
C PHE D 40 31.43 24.83 43.48
N LYS D 41 31.77 23.77 44.21
CA LYS D 41 32.96 22.98 43.94
C LYS D 41 32.52 21.85 43.00
N LEU D 42 32.77 22.02 41.71
CA LEU D 42 32.19 21.14 40.71
C LEU D 42 33.05 19.90 40.52
N PHE D 43 32.40 18.73 40.58
CA PHE D 43 32.99 17.46 40.19
C PHE D 43 32.25 16.96 38.96
N ARG D 44 32.97 16.77 37.86
CA ARG D 44 32.37 16.23 36.65
C ARG D 44 32.56 14.72 36.66
N PHE D 45 31.44 13.99 36.74
CA PHE D 45 31.49 12.54 36.88
C PHE D 45 32.25 11.86 35.74
N TRP D 46 32.20 12.44 34.54
CA TRP D 46 32.82 11.81 33.39
C TRP D 46 34.31 12.11 33.27
N ASP D 47 34.87 12.94 34.16
CA ASP D 47 36.31 13.15 34.24
C ASP D 47 37.04 12.04 34.98
N PHE D 48 36.32 11.02 35.45
CA PHE D 48 36.92 9.95 36.25
C PHE D 48 36.82 8.63 35.50
N PRO D 49 37.92 7.87 35.42
CA PRO D 49 37.89 6.61 34.64
C PRO D 49 36.78 5.66 35.04
N SER D 50 36.46 5.56 36.33
CA SER D 50 35.34 4.76 36.77
C SER D 50 34.55 5.53 37.81
N ALA D 51 33.32 5.06 38.05
CA ALA D 51 32.53 5.61 39.14
C ALA D 51 33.24 5.39 40.47
N ASN D 52 33.82 4.19 40.64
CA ASN D 52 34.57 3.87 41.85
C ASN D 52 35.85 4.69 41.96
N ASP D 53 36.37 5.21 40.85
CA ASP D 53 37.50 6.13 40.91
C ASP D 53 37.10 7.42 41.61
N LEU D 54 35.87 7.87 41.41
CA LEU D 54 35.36 9.01 42.16
C LEU D 54 35.06 8.63 43.60
N PHE D 55 34.34 7.51 43.79
CA PHE D 55 33.92 7.11 45.13
C PHE D 55 35.12 6.88 46.03
N ARG D 56 36.21 6.33 45.49
CA ARG D 56 37.37 6.01 46.31
C ARG D 56 38.19 7.23 46.68
N GLU D 57 38.15 8.29 45.87
CA GLU D 57 38.99 9.45 46.10
C GLU D 57 38.27 10.63 46.72
N HIS D 58 36.93 10.71 46.59
CA HIS D 58 36.19 11.87 47.05
C HIS D 58 34.84 11.48 47.66
N SER D 59 34.81 10.34 48.36
CA SER D 59 33.54 9.81 48.89
C SER D 59 32.76 10.85 49.68
N ASN D 60 33.45 11.65 50.49
CA ASN D 60 32.79 12.62 51.36
C ASN D 60 32.78 14.03 50.80
N SER D 61 33.37 14.25 49.62
CA SER D 61 33.43 15.60 49.06
C SER D 61 32.11 16.06 48.45
N ILE D 62 31.20 15.14 48.13
CA ILE D 62 29.99 15.47 47.36
C ILE D 62 28.82 15.62 48.31
N ARG D 63 28.23 16.82 48.33
CA ARG D 63 27.02 17.09 49.10
C ARG D 63 25.77 17.20 48.24
N ALA D 64 25.91 17.40 46.94
CA ALA D 64 24.78 17.49 46.04
C ALA D 64 25.08 16.76 44.75
N VAL D 65 24.05 16.16 44.15
CA VAL D 65 24.16 15.49 42.86
C VAL D 65 23.19 16.14 41.90
N VAL D 66 23.68 16.52 40.72
CA VAL D 66 22.84 17.03 39.64
C VAL D 66 22.86 15.99 38.53
N GLY D 67 21.72 15.33 38.33
CA GLY D 67 21.58 14.30 37.33
C GLY D 67 20.45 14.61 36.36
N ASN D 68 20.22 13.68 35.44
CA ASN D 68 19.16 13.80 34.45
C ASN D 68 18.58 12.42 34.18
N SER D 69 17.92 12.25 33.05
CA SER D 69 17.30 10.98 32.70
C SER D 69 18.32 9.91 32.30
N PHE D 70 19.58 10.29 32.07
CA PHE D 70 20.59 9.33 31.68
C PHE D 70 21.29 8.73 32.90
N ILE D 71 21.85 9.59 33.76
CA ILE D 71 22.45 9.16 35.01
C ILE D 71 21.87 10.01 36.13
N GLY D 72 21.32 9.35 37.15
CA GLY D 72 20.75 10.04 38.29
C GLY D 72 21.50 9.76 39.57
N ALA D 73 20.80 9.27 40.59
CA ALA D 73 21.40 8.88 41.86
C ALA D 73 20.83 7.51 42.24
N ASP D 74 21.52 6.44 41.84
CA ASP D 74 21.06 5.09 42.11
C ASP D 74 21.56 4.62 43.48
N ALA D 75 21.19 3.39 43.83
CA ALA D 75 21.55 2.83 45.13
C ALA D 75 23.05 2.84 45.36
N GLN D 76 23.83 2.54 44.31
CA GLN D 76 25.29 2.51 44.46
C GLN D 76 25.85 3.90 44.79
N MET D 77 25.35 4.93 44.11
CA MET D 77 25.89 6.27 44.32
C MET D 77 25.53 6.83 45.69
N ILE D 78 24.27 6.66 46.12
CA ILE D 78 23.85 7.18 47.42
C ILE D 78 24.71 6.61 48.54
N GLU D 79 24.96 5.29 48.50
CA GLU D 79 25.72 4.67 49.59
C GLU D 79 27.20 4.98 49.50
N ALA D 80 27.71 5.21 48.29
CA ALA D 80 29.12 5.55 48.12
C ALA D 80 29.44 7.01 48.46
N LEU D 81 28.41 7.85 48.61
CA LEU D 81 28.57 9.27 48.94
C LEU D 81 27.77 9.55 50.20
N PRO D 82 28.32 9.23 51.38
CA PRO D 82 27.52 9.31 52.62
C PRO D 82 27.15 10.73 53.02
N LYS D 83 27.83 11.75 52.49
CA LYS D 83 27.54 13.13 52.84
C LYS D 83 26.54 13.79 51.90
N MET D 84 25.93 13.02 50.99
CA MET D 84 24.98 13.57 50.03
C MET D 84 23.75 14.13 50.73
N GLU D 85 23.36 15.35 50.38
CA GLU D 85 22.21 16.00 50.98
C GLU D 85 21.02 16.19 50.05
N ILE D 86 21.25 16.33 48.75
CA ILE D 86 20.17 16.68 47.82
C ILE D 86 20.52 16.15 46.44
N VAL D 87 19.51 15.64 45.75
CA VAL D 87 19.58 15.32 44.33
C VAL D 87 18.62 16.25 43.61
N SER D 88 19.17 17.14 42.78
CA SER D 88 18.37 18.08 42.00
C SER D 88 18.46 17.63 40.55
N SER D 89 17.35 17.12 40.01
CA SER D 89 17.36 16.50 38.70
C SER D 89 17.01 17.49 37.61
N PHE D 90 17.76 17.42 36.52
CA PHE D 90 17.53 18.20 35.31
C PHE D 90 16.50 17.47 34.44
N SER D 91 15.31 17.29 35.01
CA SER D 91 14.31 16.36 34.48
C SER D 91 13.02 16.53 35.27
N VAL D 92 11.93 16.05 34.69
CA VAL D 92 10.69 15.86 35.43
C VAL D 92 10.60 14.41 35.88
N GLY D 93 11.23 13.52 35.13
CA GLY D 93 11.19 12.11 35.47
C GLY D 93 12.10 11.75 36.61
N LEU D 94 11.65 10.80 37.42
CA LEU D 94 12.35 10.39 38.64
C LEU D 94 12.77 8.93 38.61
N ASP D 95 12.67 8.27 37.45
CA ASP D 95 12.96 6.85 37.35
C ASP D 95 14.45 6.52 37.42
N LYS D 96 15.32 7.52 37.49
CA LYS D 96 16.76 7.30 37.65
C LYS D 96 17.22 7.66 39.06
N ILE D 97 16.30 7.93 39.97
CA ILE D 97 16.60 8.31 41.34
C ILE D 97 15.94 7.32 42.27
N ASP D 98 16.71 6.75 43.20
CA ASP D 98 16.18 5.87 44.23
C ASP D 98 15.48 6.74 45.26
N LEU D 99 14.20 7.03 45.00
CA LEU D 99 13.45 7.94 45.86
C LEU D 99 13.30 7.38 47.27
N VAL D 100 13.06 6.08 47.38
CA VAL D 100 12.83 5.47 48.69
C VAL D 100 14.09 5.52 49.54
N ARG D 101 15.25 5.24 48.94
CA ARG D 101 16.50 5.32 49.69
C ARG D 101 16.84 6.75 50.09
N CYS D 102 16.48 7.73 49.26
CA CYS D 102 16.74 9.12 49.60
C CYS D 102 15.98 9.56 50.84
N LYS D 103 14.69 9.20 50.92
CA LYS D 103 13.91 9.55 52.11
C LYS D 103 14.40 8.81 53.34
N GLU D 104 14.86 7.56 53.17
CA GLU D 104 15.39 6.80 54.29
C GLU D 104 16.63 7.49 54.87
N LYS D 105 17.46 8.07 54.01
CA LYS D 105 18.72 8.69 54.42
C LYS D 105 18.60 10.21 54.56
N GLY D 106 17.38 10.74 54.61
CA GLY D 106 17.18 12.17 54.78
C GLY D 106 17.76 13.02 53.67
N ILE D 107 17.66 12.56 52.44
CA ILE D 107 18.16 13.28 51.26
C ILE D 107 16.97 13.87 50.51
N ARG D 108 17.00 15.18 50.30
CA ARG D 108 15.97 15.84 49.52
C ARG D 108 16.15 15.52 48.03
N VAL D 109 15.04 15.54 47.29
CA VAL D 109 15.05 15.35 45.85
C VAL D 109 14.17 16.41 45.21
N THR D 110 14.67 17.05 44.15
CA THR D 110 13.92 18.02 43.37
C THR D 110 13.99 17.66 41.89
N ASN D 111 13.04 18.17 41.12
CA ASN D 111 13.00 17.96 39.69
C ASN D 111 12.63 19.28 39.02
N THR D 112 12.28 19.22 37.73
CA THR D 112 11.91 20.39 36.95
C THR D 112 10.53 20.16 36.34
N PRO D 113 9.47 20.27 37.14
CA PRO D 113 8.12 20.13 36.60
C PRO D 113 7.65 21.41 35.94
N ASP D 114 6.64 21.25 35.07
CA ASP D 114 5.91 22.36 34.45
C ASP D 114 6.73 23.11 33.40
N VAL D 115 8.04 23.25 33.61
CA VAL D 115 8.83 24.08 32.70
C VAL D 115 9.05 23.41 31.35
N LEU D 116 8.79 22.10 31.24
CA LEU D 116 8.93 21.41 29.97
C LEU D 116 7.62 20.84 29.44
N THR D 117 6.49 21.10 30.10
CA THR D 117 5.23 20.50 29.69
C THR D 117 4.88 20.86 28.24
N GLU D 118 4.97 22.15 27.90
CA GLU D 118 4.56 22.60 26.57
C GLU D 118 5.44 21.99 25.48
N ASP D 119 6.76 21.98 25.71
CA ASP D 119 7.68 21.50 24.67
C ASP D 119 7.54 20.00 24.44
N VAL D 120 7.36 19.23 25.52
CA VAL D 120 7.15 17.80 25.37
C VAL D 120 5.82 17.54 24.67
N ALA D 121 4.77 18.29 25.02
CA ALA D 121 3.49 18.14 24.35
C ALA D 121 3.60 18.52 22.88
N ASP D 122 4.38 19.56 22.57
CA ASP D 122 4.59 19.95 21.18
C ASP D 122 5.28 18.85 20.39
N LEU D 123 6.22 18.13 21.01
CA LEU D 123 6.96 17.10 20.29
C LEU D 123 6.09 15.88 20.01
N ALA D 124 5.16 15.56 20.91
CA ALA D 124 4.22 14.47 20.63
C ALA D 124 3.39 14.79 19.40
N LEU D 125 2.89 16.02 19.32
CA LEU D 125 2.12 16.43 18.14
C LEU D 125 2.98 16.44 16.90
N ALA D 126 4.27 16.75 17.05
CA ALA D 126 5.19 16.70 15.92
C ALA D 126 5.41 15.27 15.46
N LEU D 127 5.54 14.33 16.41
CA LEU D 127 5.71 12.92 16.05
C LEU D 127 4.45 12.36 15.41
N ILE D 128 3.29 12.78 15.89
CA ILE D 128 2.03 12.33 15.30
C ILE D 128 1.93 12.80 13.85
N LEU D 129 2.22 14.08 13.61
CA LEU D 129 2.14 14.61 12.26
C LEU D 129 3.21 14.02 11.36
N ALA D 130 4.44 13.90 11.88
CA ALA D 130 5.53 13.37 11.07
C ALA D 130 5.32 11.90 10.73
N THR D 131 4.66 11.15 11.60
CA THR D 131 4.42 9.73 11.33
C THR D 131 3.27 9.53 10.36
N LEU D 132 2.10 10.08 10.67
CA LEU D 132 0.93 9.88 9.82
C LEU D 132 1.16 10.42 8.42
N ARG D 133 1.74 11.61 8.29
CA ARG D 133 1.91 12.25 7.00
C ARG D 133 3.27 11.95 6.37
N ARG D 134 4.11 11.13 7.01
CA ARG D 134 5.38 10.69 6.47
C ARG D 134 6.24 11.88 6.02
N ILE D 135 6.35 12.87 6.91
CA ILE D 135 7.07 14.10 6.54
C ILE D 135 8.57 13.82 6.41
N CYS D 136 9.13 13.03 7.33
CA CYS D 136 10.55 12.71 7.23
C CYS D 136 10.83 11.86 6.01
N GLU D 137 9.91 10.96 5.65
CA GLU D 137 10.06 10.21 4.41
C GLU D 137 9.92 11.10 3.18
N SER D 138 8.96 12.03 3.21
CA SER D 138 8.79 12.95 2.09
C SER D 138 10.02 13.83 1.91
N ASP D 139 10.66 14.22 3.01
CA ASP D 139 11.87 15.03 2.92
C ASP D 139 13.02 14.23 2.31
N ARG D 140 13.21 12.99 2.75
CA ARG D 140 14.19 12.10 2.14
C ARG D 140 13.87 11.86 0.68
N TYR D 141 12.59 11.88 0.31
CA TYR D 141 12.18 11.71 -1.08
C TYR D 141 12.70 12.86 -1.93
N VAL D 142 12.51 14.09 -1.47
CA VAL D 142 12.96 15.26 -2.21
C VAL D 142 14.48 15.28 -2.32
N ARG D 143 15.18 15.12 -1.19
CA ARG D 143 16.63 15.25 -1.17
C ARG D 143 17.34 14.13 -1.91
N SER D 144 16.68 12.99 -2.11
CA SER D 144 17.26 11.93 -2.92
C SER D 144 17.06 12.14 -4.42
N GLY D 145 16.31 13.17 -4.80
CA GLY D 145 16.06 13.43 -6.21
C GLY D 145 14.91 12.63 -6.79
N SER D 146 14.14 11.93 -5.96
CA SER D 146 13.11 11.03 -6.45
C SER D 146 11.84 11.75 -6.89
N TRP D 147 11.69 13.05 -6.60
CA TRP D 147 10.53 13.76 -7.10
C TRP D 147 10.59 14.00 -8.60
N LYS D 148 11.80 14.01 -9.19
CA LYS D 148 11.93 14.10 -10.64
C LYS D 148 11.37 12.87 -11.35
N LYS D 149 11.31 11.73 -10.67
CA LYS D 149 10.84 10.49 -11.27
C LYS D 149 9.33 10.35 -11.17
N GLY D 150 8.73 10.81 -10.09
CA GLY D 150 7.30 10.71 -9.92
C GLY D 150 6.91 11.30 -8.58
N ASP D 151 5.60 11.38 -8.37
CA ASP D 151 5.06 11.94 -7.14
C ASP D 151 5.19 10.96 -5.98
N PHE D 152 5.25 11.52 -4.77
CA PHE D 152 5.34 10.72 -3.55
C PHE D 152 4.02 10.02 -3.26
N LYS D 153 4.12 8.87 -2.60
CA LYS D 153 2.95 8.08 -2.22
C LYS D 153 1.97 8.90 -1.39
N LEU D 154 0.71 8.48 -1.41
CA LEU D 154 -0.31 9.09 -0.56
C LEU D 154 -0.14 8.64 0.88
N THR D 155 -0.51 9.51 1.81
CA THR D 155 -0.33 9.20 3.23
C THR D 155 -1.68 9.16 3.96
N THR D 156 -1.66 9.38 5.27
CA THR D 156 -2.81 9.17 6.13
C THR D 156 -3.21 10.48 6.80
N LYS D 157 -4.49 10.82 6.71
CA LYS D 157 -5.00 12.06 7.29
C LYS D 157 -5.02 11.97 8.81
N PHE D 158 -4.54 13.03 9.47
CA PHE D 158 -4.51 13.09 10.93
C PHE D 158 -5.82 13.60 11.50
N THR D 159 -6.30 14.75 11.00
CA THR D 159 -7.51 15.37 11.51
C THR D 159 -8.65 14.36 11.65
N GLY D 160 -9.28 14.37 12.84
CA GLY D 160 -10.43 13.54 13.10
C GLY D 160 -10.14 12.15 13.63
N LYS D 161 -8.89 11.70 13.57
CA LYS D 161 -8.56 10.36 14.02
C LYS D 161 -8.52 10.29 15.55
N SER D 162 -8.82 9.10 16.08
CA SER D 162 -8.97 8.91 17.51
C SER D 162 -7.62 8.87 18.21
N VAL D 163 -7.47 9.69 19.26
CA VAL D 163 -6.22 9.80 20.02
C VAL D 163 -6.49 9.26 21.42
N GLY D 164 -5.74 8.24 21.81
CA GLY D 164 -5.79 7.69 23.16
C GLY D 164 -4.48 7.95 23.87
N ILE D 165 -4.57 8.51 25.07
CA ILE D 165 -3.40 8.95 25.83
C ILE D 165 -3.31 8.17 27.13
N ILE D 166 -2.17 7.54 27.37
CA ILE D 166 -1.90 6.82 28.61
C ILE D 166 -1.35 7.83 29.62
N GLY D 167 -2.20 8.26 30.54
CA GLY D 167 -1.81 9.24 31.53
C GLY D 167 -2.28 10.64 31.22
N LEU D 168 -3.26 11.13 31.97
CA LEU D 168 -3.84 12.46 31.76
C LEU D 168 -3.29 13.47 32.76
N GLY D 169 -1.97 13.57 32.84
CA GLY D 169 -1.31 14.58 33.65
C GLY D 169 -1.17 15.89 32.91
N ARG D 170 -0.18 16.68 33.35
CA ARG D 170 0.08 17.96 32.69
C ARG D 170 0.46 17.76 31.23
N ILE D 171 1.40 16.84 30.98
CA ILE D 171 1.84 16.62 29.60
C ILE D 171 0.73 15.94 28.80
N GLY D 172 0.06 14.97 29.40
CA GLY D 172 -1.03 14.30 28.70
C GLY D 172 -2.19 15.23 28.40
N SER D 173 -2.61 16.05 29.36
CA SER D 173 -3.70 16.98 29.12
C SER D 173 -3.30 18.07 28.14
N ALA D 174 -2.01 18.41 28.10
CA ALA D 174 -1.55 19.40 27.12
C ALA D 174 -1.53 18.81 25.72
N ILE D 175 -1.18 17.53 25.60
CA ILE D 175 -1.27 16.84 24.31
C ILE D 175 -2.71 16.82 23.83
N ALA D 176 -3.64 16.48 24.73
CA ALA D 176 -5.05 16.41 24.36
C ALA D 176 -5.58 17.78 23.93
N LYS D 177 -5.17 18.85 24.62
CA LYS D 177 -5.63 20.18 24.26
C LYS D 177 -5.20 20.56 22.84
N ARG D 178 -4.00 20.15 22.44
CA ARG D 178 -3.53 20.46 21.09
C ARG D 178 -4.22 19.57 20.07
N ALA D 179 -4.45 18.31 20.41
CA ALA D 179 -5.14 17.41 19.50
C ALA D 179 -6.59 17.82 19.26
N GLU D 180 -7.20 18.49 20.25
CA GLU D 180 -8.57 18.97 20.09
C GLU D 180 -8.69 19.96 18.94
N GLY D 181 -7.63 20.75 18.69
CA GLY D 181 -7.64 21.64 17.54
C GLY D 181 -7.67 20.93 16.21
N PHE D 182 -7.28 19.66 16.16
CA PHE D 182 -7.35 18.81 14.97
C PHE D 182 -8.64 17.99 14.92
N SER D 183 -9.64 18.34 15.71
CA SER D 183 -10.95 17.66 15.74
C SER D 183 -10.78 16.19 16.12
N CYS D 184 -9.80 15.92 16.97
CA CYS D 184 -9.49 14.54 17.36
C CYS D 184 -10.38 14.11 18.53
N PRO D 185 -11.04 12.96 18.43
CA PRO D 185 -11.66 12.36 19.63
C PRO D 185 -10.57 11.93 20.60
N ILE D 186 -10.73 12.30 21.85
CA ILE D 186 -9.71 12.08 22.87
C ILE D 186 -10.20 11.02 23.86
N SER D 187 -9.35 10.03 24.11
CA SER D 187 -9.58 9.06 25.17
C SER D 187 -8.32 8.94 26.01
N TYR D 188 -8.49 8.41 27.22
CA TYR D 188 -7.37 8.23 28.14
C TYR D 188 -7.62 6.97 28.96
N HIS D 189 -6.60 6.51 29.68
CA HIS D 189 -6.68 5.21 30.32
C HIS D 189 -6.10 5.19 31.73
N SER D 190 -6.66 4.26 32.52
CA SER D 190 -6.10 3.73 33.76
C SER D 190 -5.96 4.72 34.92
N ARG D 191 -5.29 4.26 35.98
CA ARG D 191 -5.12 4.96 37.25
C ARG D 191 -6.51 5.24 37.81
N THR D 192 -6.92 6.50 37.99
CA THR D 192 -8.27 6.84 38.39
C THR D 192 -8.83 7.83 37.39
N GLU D 193 -10.15 7.83 37.25
CA GLU D 193 -10.82 8.77 36.37
C GLU D 193 -10.57 10.20 36.82
N LYS D 194 -10.18 11.06 35.88
CA LYS D 194 -9.96 12.46 36.20
C LYS D 194 -11.32 13.15 36.31
N PRO D 195 -11.58 13.90 37.37
CA PRO D 195 -12.91 14.49 37.52
C PRO D 195 -13.11 15.69 36.59
N GLY D 196 -14.33 15.82 36.09
CA GLY D 196 -14.67 16.98 35.29
C GLY D 196 -14.15 16.96 33.87
N THR D 197 -13.81 15.80 33.34
CA THR D 197 -13.26 15.71 31.99
C THR D 197 -14.29 15.15 31.00
N ASN D 198 -14.19 15.63 29.77
CA ASN D 198 -15.05 15.18 28.68
C ASN D 198 -14.39 14.12 27.80
N TYR D 199 -13.14 13.75 28.08
CA TYR D 199 -12.49 12.67 27.35
C TYR D 199 -13.07 11.32 27.79
N LYS D 200 -12.91 10.32 26.93
CA LYS D 200 -13.45 8.99 27.17
C LYS D 200 -12.45 8.16 27.97
N TYR D 201 -12.88 7.69 29.14
CA TYR D 201 -12.02 6.90 30.00
C TYR D 201 -12.12 5.41 29.66
N TYR D 202 -10.98 4.74 29.65
CA TYR D 202 -10.90 3.30 29.42
C TYR D 202 -10.17 2.66 30.58
N PRO D 203 -10.79 1.73 31.32
CA PRO D 203 -10.10 1.13 32.48
C PRO D 203 -8.92 0.24 32.11
N SER D 204 -8.75 -0.13 30.85
CA SER D 204 -7.62 -0.94 30.43
C SER D 204 -6.93 -0.30 29.24
N VAL D 205 -5.62 -0.56 29.13
CA VAL D 205 -4.85 -0.02 28.02
C VAL D 205 -5.14 -0.78 26.73
N VAL D 206 -5.46 -2.07 26.84
CA VAL D 206 -5.76 -2.86 25.65
C VAL D 206 -7.02 -2.35 24.96
N GLU D 207 -8.02 -1.93 25.75
CA GLU D 207 -9.23 -1.37 25.16
C GLU D 207 -9.00 0.05 24.65
N LEU D 208 -8.13 0.81 25.32
CA LEU D 208 -7.75 2.12 24.78
C LEU D 208 -7.08 1.96 23.43
N ALA D 209 -6.16 1.01 23.32
CA ALA D 209 -5.44 0.81 22.07
C ALA D 209 -6.36 0.33 20.96
N SER D 210 -7.32 -0.53 21.29
CA SER D 210 -8.23 -1.06 20.27
C SER D 210 -9.14 0.02 19.71
N ASN D 211 -9.44 1.06 20.48
CA ASN D 211 -10.40 2.08 20.08
C ASN D 211 -9.74 3.40 19.71
N CYS D 212 -8.45 3.40 19.36
CA CYS D 212 -7.78 4.61 18.92
C CYS D 212 -6.76 4.23 17.87
N GLN D 213 -6.39 5.21 17.05
CA GLN D 213 -5.37 5.00 16.01
C GLN D 213 -4.03 5.60 16.38
N ILE D 214 -3.99 6.51 17.35
CA ILE D 214 -2.75 7.11 17.84
C ILE D 214 -2.70 6.87 19.34
N LEU D 215 -1.73 6.08 19.79
CA LEU D 215 -1.58 5.72 21.19
C LEU D 215 -0.37 6.47 21.75
N VAL D 216 -0.62 7.38 22.68
CA VAL D 216 0.39 8.31 23.18
C VAL D 216 0.75 7.92 24.60
N VAL D 217 2.05 7.69 24.82
CA VAL D 217 2.57 7.46 26.16
C VAL D 217 2.87 8.81 26.79
N ALA D 218 2.19 9.12 27.89
CA ALA D 218 2.34 10.40 28.57
C ALA D 218 2.30 10.19 30.07
N CYS D 219 2.89 9.09 30.53
CA CYS D 219 2.84 8.67 31.92
C CYS D 219 4.24 8.64 32.52
N ALA D 220 4.27 8.58 33.86
CA ALA D 220 5.52 8.39 34.59
C ALA D 220 5.94 6.93 34.53
N LEU D 221 7.25 6.70 34.54
CA LEU D 221 7.80 5.34 34.55
C LEU D 221 7.90 4.87 36.00
N THR D 222 7.03 3.94 36.37
CA THR D 222 6.99 3.32 37.69
C THR D 222 7.00 1.82 37.49
N PRO D 223 7.12 1.03 38.57
CA PRO D 223 6.96 -0.43 38.40
C PRO D 223 5.63 -0.79 37.78
N GLU D 224 4.60 0.04 37.99
CA GLU D 224 3.28 -0.21 37.42
C GLU D 224 3.25 0.03 35.91
N THR D 225 3.94 1.07 35.44
CA THR D 225 3.89 1.47 34.04
C THR D 225 5.03 0.92 33.19
N ARG D 226 5.93 0.13 33.76
CA ARG D 226 6.98 -0.48 32.95
C ARG D 226 6.37 -1.48 31.97
N HIS D 227 6.77 -1.38 30.70
CA HIS D 227 6.25 -2.23 29.63
C HIS D 227 4.72 -2.17 29.54
N ILE D 228 4.16 -0.99 29.79
CA ILE D 228 2.72 -0.81 29.65
C ILE D 228 2.30 -0.97 28.20
N ILE D 229 3.22 -0.80 27.27
CA ILE D 229 2.98 -1.11 25.86
C ILE D 229 3.65 -2.45 25.60
N ASN D 230 2.87 -3.52 25.71
CA ASN D 230 3.34 -4.87 25.48
C ASN D 230 2.77 -5.41 24.18
N ARG D 231 3.11 -6.68 23.90
CA ARG D 231 2.60 -7.33 22.69
C ARG D 231 1.08 -7.27 22.61
N GLU D 232 0.38 -7.46 23.73
CA GLU D 232 -1.07 -7.47 23.70
C GLU D 232 -1.64 -6.10 23.37
N VAL D 233 -1.06 -5.04 23.93
CA VAL D 233 -1.53 -3.69 23.62
C VAL D 233 -1.15 -3.30 22.20
N ILE D 234 0.02 -3.75 21.74
CA ILE D 234 0.45 -3.44 20.38
C ILE D 234 -0.43 -4.13 19.35
N ASN D 235 -0.73 -5.41 19.57
CA ASN D 235 -1.60 -6.13 18.65
C ASN D 235 -3.00 -5.54 18.66
N ALA D 236 -3.46 -5.08 19.82
CA ALA D 236 -4.77 -4.44 19.90
C ALA D 236 -4.80 -3.14 19.12
N LEU D 237 -3.69 -2.39 19.11
CA LEU D 237 -3.63 -1.16 18.32
C LEU D 237 -3.78 -1.47 16.83
N GLY D 238 -2.95 -2.35 16.29
CA GLY D 238 -3.16 -2.90 14.98
C GLY D 238 -2.33 -2.23 13.89
N PRO D 239 -2.42 -2.78 12.67
CA PRO D 239 -1.65 -2.23 11.55
C PRO D 239 -2.18 -0.89 11.05
N LYS D 240 -3.34 -0.44 11.52
CA LYS D 240 -3.85 0.88 11.22
C LYS D 240 -3.56 1.88 12.33
N GLY D 241 -2.74 1.49 13.30
CA GLY D 241 -2.47 2.33 14.45
C GLY D 241 -1.01 2.76 14.55
N VAL D 242 -0.74 3.76 15.39
CA VAL D 242 0.59 4.32 15.53
C VAL D 242 0.90 4.53 17.01
N VAL D 243 2.10 4.14 17.43
CA VAL D 243 2.58 4.33 18.80
C VAL D 243 3.42 5.60 18.85
N ILE D 244 3.09 6.48 19.79
CA ILE D 244 3.86 7.69 20.04
C ILE D 244 4.39 7.61 21.46
N ASN D 245 5.71 7.54 21.60
CA ASN D 245 6.35 7.42 22.91
C ASN D 245 7.23 8.65 23.15
N ILE D 246 6.77 9.53 24.04
CA ILE D 246 7.59 10.64 24.54
C ILE D 246 7.90 10.48 26.03
N GLY D 247 7.57 9.33 26.61
CA GLY D 247 7.83 9.11 28.02
C GLY D 247 9.19 8.51 28.25
N ARG D 248 9.25 7.24 28.59
CA ARG D 248 10.51 6.53 28.77
C ARG D 248 10.53 5.30 27.89
N GLY D 249 11.72 4.94 27.42
CA GLY D 249 11.85 3.80 26.53
C GLY D 249 11.36 2.50 27.14
N LEU D 250 11.45 2.39 28.47
CA LEU D 250 11.00 1.19 29.17
C LEU D 250 9.48 1.13 29.30
N HIS D 251 8.76 2.17 28.85
CA HIS D 251 7.30 2.10 28.76
C HIS D 251 6.86 1.09 27.71
N VAL D 252 7.73 0.76 26.76
CA VAL D 252 7.40 -0.08 25.62
C VAL D 252 8.27 -1.33 25.66
N ASP D 253 7.66 -2.49 25.52
CA ASP D 253 8.43 -3.71 25.31
C ASP D 253 9.10 -3.61 23.95
N GLU D 254 10.34 -3.10 23.94
CA GLU D 254 10.97 -2.72 22.68
C GLU D 254 11.18 -3.88 21.71
N PRO D 255 11.61 -5.07 22.13
CA PRO D 255 11.71 -6.17 21.16
C PRO D 255 10.37 -6.57 20.57
N GLU D 256 9.28 -6.38 21.32
CA GLU D 256 7.96 -6.66 20.77
C GLU D 256 7.53 -5.58 19.79
N LEU D 257 7.90 -4.33 20.05
CA LEU D 257 7.56 -3.24 19.13
C LEU D 257 8.23 -3.43 17.78
N VAL D 258 9.51 -3.77 17.77
CA VAL D 258 10.22 -3.98 16.51
C VAL D 258 9.64 -5.17 15.75
N SER D 259 9.41 -6.28 16.46
CA SER D 259 8.86 -7.46 15.80
C SER D 259 7.51 -7.16 15.16
N ALA D 260 6.64 -6.44 15.87
CA ALA D 260 5.33 -6.11 15.32
C ALA D 260 5.43 -5.17 14.14
N LEU D 261 6.40 -4.25 14.18
CA LEU D 261 6.62 -3.35 13.05
C LEU D 261 7.25 -4.08 11.86
N VAL D 262 8.15 -5.04 12.14
CA VAL D 262 8.74 -5.83 11.07
C VAL D 262 7.68 -6.68 10.38
N GLU D 263 6.79 -7.27 11.17
CA GLU D 263 5.80 -8.21 10.65
C GLU D 263 4.52 -7.55 10.19
N GLY D 264 4.38 -6.23 10.36
CA GLY D 264 3.20 -5.54 9.89
C GLY D 264 2.00 -5.60 10.81
N ARG D 265 2.18 -6.04 12.05
CA ARG D 265 1.07 -6.06 13.01
C ARG D 265 0.80 -4.70 13.62
N LEU D 266 1.72 -3.76 13.47
CA LEU D 266 1.57 -2.38 13.92
C LEU D 266 1.91 -1.45 12.77
N GLY D 267 1.13 -0.39 12.61
CA GLY D 267 1.28 0.46 11.44
C GLY D 267 2.56 1.28 11.46
N GLY D 268 2.85 1.91 12.59
CA GLY D 268 4.01 2.79 12.66
C GLY D 268 4.31 3.16 14.09
N ALA D 269 5.36 3.97 14.26
CA ALA D 269 5.78 4.40 15.57
C ALA D 269 6.51 5.74 15.48
N GLY D 270 6.15 6.67 16.35
CA GLY D 270 6.90 7.90 16.51
C GLY D 270 7.58 7.90 17.88
N LEU D 271 8.89 7.69 17.90
CA LEU D 271 9.60 7.41 19.13
C LEU D 271 10.65 8.48 19.41
N ASP D 272 10.53 9.12 20.57
CA ASP D 272 11.56 10.02 21.06
C ASP D 272 12.50 9.35 22.06
N VAL D 273 12.08 8.25 22.69
CA VAL D 273 12.85 7.59 23.72
C VAL D 273 12.98 6.12 23.38
N PHE D 274 14.04 5.50 23.91
CA PHE D 274 14.33 4.10 23.65
C PHE D 274 14.83 3.45 24.94
N GLU D 275 14.80 2.11 24.95
CA GLU D 275 15.12 1.38 26.18
C GLU D 275 16.57 1.59 26.59
N ASN D 276 17.50 1.47 25.65
CA ASN D 276 18.92 1.59 25.98
C ASN D 276 19.56 2.73 25.20
N GLU D 277 19.09 3.94 25.43
CA GLU D 277 19.64 5.12 24.75
C GLU D 277 21.12 5.26 25.04
N PRO D 278 21.92 5.72 24.08
CA PRO D 278 21.49 6.20 22.76
C PRO D 278 21.40 5.13 21.68
N ASN D 279 21.23 3.87 22.08
CA ASN D 279 21.14 2.78 21.11
C ASN D 279 19.72 2.66 20.57
N VAL D 280 19.61 2.56 19.25
CA VAL D 280 18.34 2.36 18.57
C VAL D 280 18.46 1.09 17.74
N PRO D 281 17.54 0.15 17.85
CA PRO D 281 17.63 -1.09 17.08
C PRO D 281 17.78 -0.83 15.58
N GLU D 282 18.72 -1.55 14.96
CA GLU D 282 18.99 -1.37 13.53
C GLU D 282 17.74 -1.61 12.70
N GLU D 283 16.84 -2.49 13.15
CA GLU D 283 15.66 -2.81 12.37
C GLU D 283 14.77 -1.58 12.20
N LEU D 284 14.71 -0.71 13.21
CA LEU D 284 13.92 0.51 13.09
C LEU D 284 14.55 1.48 12.08
N LEU D 285 15.86 1.41 11.89
CA LEU D 285 16.56 2.38 11.05
C LEU D 285 16.13 2.30 9.60
N ALA D 286 15.69 1.13 9.14
CA ALA D 286 15.37 0.92 7.73
C ALA D 286 13.90 1.12 7.42
N MET D 287 13.08 1.49 8.40
CA MET D 287 11.65 1.61 8.22
C MET D 287 11.23 3.03 7.89
N ASP D 288 10.34 3.16 6.91
CA ASP D 288 9.76 4.45 6.56
C ASP D 288 8.54 4.80 7.41
N ASN D 289 7.94 3.82 8.08
CA ASN D 289 6.77 4.06 8.89
C ASN D 289 7.11 4.41 10.32
N VAL D 290 8.36 4.78 10.60
CA VAL D 290 8.75 5.24 11.93
C VAL D 290 9.52 6.55 11.82
N VAL D 291 9.38 7.37 12.85
CA VAL D 291 10.14 8.59 13.03
C VAL D 291 10.89 8.46 14.34
N LEU D 292 12.21 8.67 14.30
CA LEU D 292 13.08 8.39 15.43
C LEU D 292 13.79 9.68 15.83
N LEU D 293 13.59 10.11 17.07
CA LEU D 293 14.21 11.33 17.56
C LEU D 293 15.11 11.01 18.75
N PRO D 294 16.20 11.74 18.94
CA PRO D 294 17.17 11.44 20.01
C PRO D 294 16.80 12.09 21.35
N HIS D 295 15.62 11.78 21.85
CA HIS D 295 15.12 12.27 23.14
C HIS D 295 15.22 13.80 23.21
N VAL D 296 14.42 14.43 22.35
CA VAL D 296 14.47 15.88 22.17
C VAL D 296 13.25 16.57 22.74
N GLY D 297 12.47 15.87 23.59
CA GLY D 297 11.25 16.42 24.14
C GLY D 297 11.36 17.81 24.73
N SER D 298 12.27 18.00 25.68
CA SER D 298 12.48 19.28 26.34
C SER D 298 13.64 20.05 25.76
N GLY D 299 14.26 19.56 24.69
CA GLY D 299 15.49 20.11 24.19
C GLY D 299 15.33 21.35 23.33
N THR D 300 14.71 22.40 23.87
CA THR D 300 14.64 23.69 23.21
C THR D 300 15.48 24.72 23.97
N VAL D 301 15.88 25.75 23.25
CA VAL D 301 16.62 26.85 23.86
C VAL D 301 15.85 27.43 25.05
N GLU D 302 14.55 27.62 24.88
CA GLU D 302 13.73 28.26 25.91
C GLU D 302 13.60 27.37 27.15
N THR D 303 13.24 26.10 26.95
CA THR D 303 12.94 25.23 28.08
C THR D 303 14.19 24.87 28.88
N ARG D 304 15.28 24.52 28.19
CA ARG D 304 16.49 24.09 28.90
C ARG D 304 17.05 25.19 29.80
N LYS D 305 16.91 26.46 29.40
CA LYS D 305 17.31 27.54 30.28
C LYS D 305 16.42 27.60 31.53
N ASP D 306 15.12 27.38 31.36
CA ASP D 306 14.22 27.37 32.51
C ASP D 306 14.52 26.19 33.43
N MET D 307 14.84 25.02 32.86
CA MET D 307 15.19 23.87 33.68
C MET D 307 16.49 24.11 34.43
N ALA D 308 17.50 24.65 33.75
CA ALA D 308 18.79 24.90 34.40
C ALA D 308 18.66 25.88 35.56
N ASP D 309 17.92 26.98 35.34
CA ASP D 309 17.73 27.96 36.41
C ASP D 309 16.90 27.37 37.56
N LEU D 310 16.06 26.38 37.28
CA LEU D 310 15.29 25.74 38.33
C LEU D 310 16.15 24.81 39.18
N VAL D 311 17.05 24.07 38.53
CA VAL D 311 17.98 23.22 39.28
C VAL D 311 18.87 24.08 40.17
N LEU D 312 19.39 25.17 39.64
CA LEU D 312 20.22 26.08 40.44
C LEU D 312 19.42 26.71 41.56
N GLY D 313 18.15 27.05 41.30
CA GLY D 313 17.33 27.65 42.33
C GLY D 313 17.02 26.71 43.47
N ASN D 314 16.91 25.41 43.19
CA ASN D 314 16.66 24.43 44.25
C ASN D 314 17.92 24.16 45.06
N LEU D 315 19.08 24.06 44.40
CA LEU D 315 20.33 23.88 45.12
C LEU D 315 20.62 25.07 46.03
N GLU D 316 20.43 26.29 45.52
CA GLU D 316 20.68 27.49 46.32
C GLU D 316 19.76 27.54 47.53
N ALA D 317 18.47 27.28 47.33
CA ALA D 317 17.53 27.31 48.44
C ALA D 317 17.87 26.28 49.51
N HIS D 318 18.34 25.10 49.10
CA HIS D 318 18.68 24.06 50.06
C HIS D 318 19.83 24.49 50.96
N PHE D 319 20.96 24.88 50.36
CA PHE D 319 22.15 25.20 51.13
C PHE D 319 22.06 26.56 51.82
N LEU D 320 20.99 27.33 51.57
CA LEU D 320 20.67 28.50 52.36
C LEU D 320 19.60 28.20 53.40
N ASN D 321 19.22 26.93 53.55
CA ASN D 321 18.18 26.50 54.49
C ASN D 321 16.86 27.20 54.23
N LYS D 322 16.57 27.49 52.98
CA LYS D 322 15.32 28.08 52.53
C LYS D 322 14.44 27.02 51.91
N PRO D 323 13.12 27.25 51.84
CA PRO D 323 12.23 26.25 51.24
C PRO D 323 12.59 25.99 49.78
N LEU D 324 12.62 24.71 49.42
CA LEU D 324 12.97 24.33 48.06
C LEU D 324 11.91 24.83 47.07
N LEU D 325 12.27 24.83 45.79
CA LEU D 325 11.36 25.34 44.78
C LEU D 325 10.41 24.26 44.27
N THR D 326 10.94 23.14 43.80
CA THR D 326 10.16 22.05 43.24
C THR D 326 10.56 20.73 43.89
N PRO D 327 10.29 20.57 45.19
CA PRO D 327 10.72 19.35 45.89
C PRO D 327 9.87 18.15 45.51
N VAL D 328 10.50 16.98 45.56
CA VAL D 328 9.82 15.70 45.38
C VAL D 328 9.69 14.96 46.70
N VAL D 329 10.77 14.89 47.47
CA VAL D 329 10.73 14.33 48.81
C VAL D 329 11.56 15.20 49.76
#